data_8OX6
#
_entry.id   8OX6
#
_cell.length_a   1.00
_cell.length_b   1.00
_cell.length_c   1.00
_cell.angle_alpha   90.00
_cell.angle_beta   90.00
_cell.angle_gamma   90.00
#
_symmetry.space_group_name_H-M   'P 1'
#
loop_
_entity.id
_entity.type
_entity.pdbx_description
1 polymer 'Phospholipid-transporting ATPase IC'
2 polymer 'Cell cycle control protein 50A'
3 branched beta-D-mannopyranose-(1-4)-2-acetamido-2-deoxy-beta-D-glucopyranose-(1-4)-2-acetamido-2-deoxy-beta-D-glucopyranose
4 non-polymer 'MAGNESIUM ION'
5 non-polymer 'TETRAFLUOROALUMINATE ION'
6 non-polymer 2-acetamido-2-deoxy-beta-D-glucopyranose
7 water water
#
loop_
_entity_poly.entity_id
_entity_poly.type
_entity_poly.pdbx_seq_one_letter_code
_entity_poly.pdbx_strand_id
1 'polypeptide(L)'
;MSTERDSETTFDEDSQPNDEVVPYSDDETEDELDDQGSAVEPEQNRVNREAEENREPFRKECTWQVKANDRKYHEQPHFM
NTKFLCIKESKYANNAIKTYKYNAFTFIPMNLFEQFKRAANLYFLALLILQAVPQISTLAWYTTLVPLLVVLGVTAIKDL
VDDVARHKMDKEINNRTCEVIKDGRFKVAKWKEIQVGDVIRLKKNDFVPADILLLSSSEPNSLCYVETAELDGETNLKFK
MSLEITDQYLQREDTLATFDGFIECEEPNNRLDKFTGTLFWRNTSFPLDADKILLRGCVIRNTDFCHGLVIFAGADTKIM
KNSGKTRFKRTKIDYLMNYMVYTIFVVLILLSAGLAIGHAYWEAQVGNSSWYLYDGEDDTPSYRGFLIFWGYIIVLNTMV
PISLYVSVEVIRLGQSHFINWDLQMYYAEKDTPAKARTTTLNEQLGQIHYIFSDKTGTLTQNIMTFKKCCINGQIYGDHR
DASQHNHNKIEQVDFSWNTYADGKLAFYDHYLIEQIQSGKEPEVRQFFFLLAVCHTVMVDRTDGQLNYQAASPDEGALVN
AARNFGFAFLARTQNTITISELGTERTYNVLAILDFNSDRKRMSIIVRTPEGNIKLYCKGADTVIYERLHRMNPTKQETQ
DALDIFANETLRTLCLCYKEIEEKEFTEWNKKFMAASVASTNRDEALDKVYEEIEKDLILLGATAIEDKLQDGVPETISK
LAKADIKIWVLTGDKKETAENIGFACELLTEDTTICYGEDINSLLHARMENQRNRGGVYAKFAPPVQESFFPPGGNRALI
ITGSWLNEILLEKKTKRNKILKLKFPRTEEERRMRTQSKRRLEAKKEQRQKNFVDLACECSAVICCRVTPKQKAMVVDLV
KRYKKAITLAIGDGANDVNMIKTAHIGVGISGQEGMQAVMSSDYSFAQFRYLQRLLLVHGRWSYIRMCKFLRYFFYKNFA
FTLVHFWYSFFNGYSAQTAYEDWFITLYNVLYTSLPVLLMGLLDQDVSDKLSLRFPGLYIVGQRDLLFNYKRFFVSLLHG
VLTSMILFFIPLGAYLQTVGQDGEAPSDYQSFAVTIASALVITVNFQIGLDTSYWTFVNAFSIFGSIALYFGIMFDFHSA
GIHVLFPSAFQFTGTASNALRQPYIWLTIILTVAVCLLPVVAIRFLSMTIWPSESDKIQKHRKRL
;
A
2 'polypeptide(L)'
;MLGGMAMNYNAKDEVDGGPPCAPGGTAKTRRPDNTAFKQQRLPAWQPILTAGTVLPIFFIIGLIFIPIGIGIFVTSNNIR
EIEIDYTGTEPSSPCNKCLSPDVTPCFCTINFTLEKSFEGNVFMYYGLSNFYQNHRRYVKSRDDSQLNGDSSALLNPSKE
CEPYRRNEDKPIAPCGAIANSMFNDTLELFLIGNDSYPIPIALKKKGIAWWTDKNVKFRNPPGGDNLEERFKGTTKPVNW
LKPVYMLDSDPDNNGFINEDFIVWMRTAALPTFRKLYRLIERKSDLHPTLPAGRYSLNVTYNYPVHYFDGRKRMILSTIS
WMGGKNPFLGIAYIAVGSISFLLGVVLLVINHKYRNSSNTADITI
;
B
#
loop_
_chem_comp.id
_chem_comp.type
_chem_comp.name
_chem_comp.formula
ALF non-polymer 'TETRAFLUOROALUMINATE ION' 'Al F4 -1'
BMA D-saccharide, beta linking beta-D-mannopyranose 'C6 H12 O6'
MG non-polymer 'MAGNESIUM ION' 'Mg 2'
NAG D-saccharide, beta linking 2-acetamido-2-deoxy-beta-D-glucopyranose 'C8 H15 N O6'
#
# COMPACT_ATOMS: atom_id res chain seq x y z
N TYR A 100 -10.87 21.07 32.12
CA TYR A 100 -10.24 22.30 31.68
C TYR A 100 -8.71 22.18 31.75
N LYS A 101 -8.20 21.06 31.27
CA LYS A 101 -6.77 20.81 31.20
C LYS A 101 -6.19 21.52 29.97
N TYR A 102 -4.95 21.18 29.60
CA TYR A 102 -4.17 21.96 28.64
C TYR A 102 -3.92 23.38 29.15
N ASN A 103 -3.14 23.44 30.23
CA ASN A 103 -2.78 24.70 30.86
C ASN A 103 -1.63 25.42 30.15
N ALA A 104 -1.37 25.11 28.88
CA ALA A 104 -0.34 25.69 28.02
C ALA A 104 1.03 25.09 28.31
N PHE A 105 1.15 24.19 29.28
CA PHE A 105 2.37 23.44 29.56
C PHE A 105 2.02 21.99 29.77
N THR A 106 1.03 21.49 29.02
CA THR A 106 0.45 20.18 29.27
C THR A 106 0.27 19.46 27.93
N PHE A 107 1.31 19.48 27.10
CA PHE A 107 1.37 18.61 25.93
C PHE A 107 1.92 17.22 26.27
N ILE A 108 2.46 17.05 27.47
CA ILE A 108 3.08 15.78 27.87
C ILE A 108 2.04 14.69 28.12
N PRO A 109 0.82 14.99 28.62
CA PRO A 109 -0.12 13.89 28.89
C PRO A 109 -0.97 13.54 27.68
N MET A 110 -1.07 14.44 26.71
CA MET A 110 -1.84 14.12 25.52
C MET A 110 -1.21 12.97 24.75
N ASN A 111 0.10 13.02 24.54
CA ASN A 111 0.79 11.89 23.93
C ASN A 111 0.73 10.67 24.85
N LEU A 112 0.83 10.90 26.17
CA LEU A 112 0.64 9.81 27.11
C LEU A 112 -0.75 9.20 26.97
N PHE A 113 -1.77 10.04 26.79
CA PHE A 113 -3.11 9.53 26.52
C PHE A 113 -3.17 8.89 25.14
N GLU A 114 -2.42 9.43 24.18
CA GLU A 114 -2.38 8.83 22.84
C GLU A 114 -1.56 7.55 22.82
N GLN A 115 -0.41 7.54 23.49
CA GLN A 115 0.54 6.45 23.32
C GLN A 115 0.12 5.23 24.13
N PHE A 116 0.09 5.36 25.45
CA PHE A 116 -0.10 4.19 26.30
C PHE A 116 -1.51 3.62 26.14
N LYS A 117 -2.52 4.47 26.08
CA LYS A 117 -3.89 3.98 26.04
C LYS A 117 -4.15 3.15 24.79
N ARG A 118 -3.68 3.62 23.63
CA ARG A 118 -3.98 2.98 22.36
C ARG A 118 -2.95 1.90 22.07
N ALA A 119 -3.44 0.70 21.73
CA ALA A 119 -2.56 -0.45 21.56
C ALA A 119 -1.57 -0.24 20.42
N ALA A 120 -2.03 0.33 19.31
CA ALA A 120 -1.14 0.51 18.16
C ALA A 120 -0.12 1.59 18.42
N ASN A 121 -0.50 2.64 19.16
CA ASN A 121 0.40 3.79 19.31
C ASN A 121 1.68 3.40 20.02
N LEU A 122 1.58 2.72 21.17
CA LEU A 122 2.80 2.35 21.88
C LEU A 122 3.55 1.24 21.16
N TYR A 123 2.85 0.41 20.39
CA TYR A 123 3.55 -0.55 19.52
C TYR A 123 4.48 0.17 18.55
N PHE A 124 3.95 1.18 17.86
CA PHE A 124 4.82 1.95 16.97
C PHE A 124 5.91 2.66 17.77
N LEU A 125 5.62 3.00 19.03
CA LEU A 125 6.67 3.53 19.90
C LEU A 125 7.69 2.44 20.23
N ALA A 126 7.21 1.27 20.66
CA ALA A 126 8.11 0.13 20.83
C ALA A 126 8.81 -0.22 19.54
N LEU A 127 8.17 0.08 18.40
CA LEU A 127 8.78 -0.16 17.10
C LEU A 127 9.93 0.81 16.82
N LEU A 128 9.85 2.04 17.35
CA LEU A 128 10.97 2.96 17.19
C LEU A 128 12.23 2.43 17.86
N ILE A 129 12.09 1.88 19.07
CA ILE A 129 13.26 1.31 19.75
C ILE A 129 13.77 0.09 19.00
N LEU A 130 12.86 -0.70 18.44
CA LEU A 130 13.27 -1.89 17.70
C LEU A 130 14.17 -1.53 16.54
N GLN A 131 13.81 -0.50 15.78
CA GLN A 131 14.58 -0.09 14.62
C GLN A 131 15.58 1.02 14.93
N ALA A 132 15.73 1.39 16.19
CA ALA A 132 16.76 2.34 16.58
C ALA A 132 18.15 1.68 16.62
N VAL A 133 18.22 0.45 17.09
CA VAL A 133 19.48 -0.28 17.20
C VAL A 133 19.87 -0.78 15.81
N PRO A 134 21.06 -0.42 15.30
CA PRO A 134 21.41 -0.86 13.94
C PRO A 134 21.51 -2.36 13.77
N GLN A 135 21.69 -3.12 14.85
CA GLN A 135 21.90 -4.56 14.73
C GLN A 135 20.70 -5.29 14.13
N ILE A 136 19.50 -4.71 14.21
CA ILE A 136 18.31 -5.33 13.66
C ILE A 136 17.50 -4.34 12.84
N SER A 137 18.03 -3.13 12.66
CA SER A 137 17.29 -2.08 11.97
C SER A 137 17.25 -2.37 10.47
N THR A 138 16.12 -2.90 10.00
CA THR A 138 15.92 -3.14 8.57
C THR A 138 15.25 -1.98 7.86
N LEU A 139 14.67 -1.02 8.60
CA LEU A 139 14.07 0.16 8.04
C LEU A 139 14.56 1.38 8.81
N ALA A 140 14.53 2.53 8.16
CA ALA A 140 14.93 3.77 8.81
C ALA A 140 13.86 4.22 9.80
N TRP A 141 14.30 5.01 10.79
CA TRP A 141 13.37 5.58 11.75
C TRP A 141 12.37 6.53 11.10
N TYR A 142 12.72 7.11 9.95
CA TYR A 142 11.77 7.95 9.21
C TYR A 142 10.48 7.20 8.93
N THR A 143 10.57 5.89 8.66
CA THR A 143 9.42 5.14 8.19
C THR A 143 8.27 5.17 9.19
N THR A 144 8.57 5.32 10.47
CA THR A 144 7.53 5.31 11.51
C THR A 144 7.25 6.68 12.09
N LEU A 145 8.27 7.51 12.31
CA LEU A 145 8.03 8.82 12.92
C LEU A 145 7.12 9.67 12.05
N VAL A 146 7.44 9.79 10.76
CA VAL A 146 6.68 10.69 9.89
C VAL A 146 5.21 10.31 9.85
N PRO A 147 4.82 9.06 9.60
CA PRO A 147 3.41 8.69 9.78
C PRO A 147 2.94 8.86 11.22
N LEU A 148 3.80 8.62 12.21
CA LEU A 148 3.38 8.70 13.60
C LEU A 148 3.12 10.15 14.01
N LEU A 149 4.04 11.05 13.68
CA LEU A 149 3.84 12.45 14.04
C LEU A 149 2.61 13.03 13.36
N VAL A 150 2.41 12.69 12.09
CA VAL A 150 1.20 13.15 11.39
C VAL A 150 -0.04 12.58 12.04
N VAL A 151 -0.01 11.27 12.34
CA VAL A 151 -1.17 10.64 12.98
C VAL A 151 -1.36 11.19 14.39
N LEU A 152 -0.26 11.33 15.14
CA LEU A 152 -0.37 11.92 16.47
C LEU A 152 -0.70 13.41 16.39
N GLY A 153 -0.06 14.12 15.46
CA GLY A 153 -0.30 15.56 15.37
C GLY A 153 -1.74 15.89 15.05
N VAL A 154 -2.32 15.20 14.06
CA VAL A 154 -3.70 15.48 13.67
C VAL A 154 -4.64 15.23 14.84
N THR A 155 -4.42 14.14 15.57
CA THR A 155 -5.26 13.85 16.73
C THR A 155 -5.13 14.94 17.79
N ALA A 156 -3.92 15.47 17.97
CA ALA A 156 -3.74 16.55 18.93
C ALA A 156 -4.50 17.80 18.52
N ILE A 157 -4.50 18.12 17.21
CA ILE A 157 -5.26 19.27 16.74
C ILE A 157 -6.75 19.08 17.01
N LYS A 158 -7.26 17.88 16.73
CA LYS A 158 -8.69 17.64 16.92
C LYS A 158 -9.10 17.78 18.39
N ASP A 159 -8.15 17.63 19.31
CA ASP A 159 -8.45 17.72 20.74
C ASP A 159 -8.03 19.06 21.33
N LEU A 160 -7.08 19.76 20.71
CA LEU A 160 -6.72 21.08 21.19
C LEU A 160 -7.89 22.06 21.06
N VAL A 161 -8.63 21.98 19.96
CA VAL A 161 -9.76 22.88 19.76
C VAL A 161 -10.84 22.63 20.81
N ASP A 162 -11.05 21.37 21.18
CA ASP A 162 -12.08 21.04 22.16
C ASP A 162 -11.79 21.70 23.50
N ASP A 163 -10.54 21.66 23.95
CA ASP A 163 -10.20 22.24 25.24
C ASP A 163 -10.22 23.76 25.20
N VAL A 164 -9.89 24.35 24.05
CA VAL A 164 -9.95 25.81 23.93
C VAL A 164 -11.37 26.30 24.17
N ALA A 165 -12.36 25.55 23.69
CA ALA A 165 -13.75 25.91 23.95
C ALA A 165 -14.05 25.84 25.44
N ARG A 166 -13.55 24.81 26.13
CA ARG A 166 -13.79 24.69 27.56
C ARG A 166 -13.14 25.84 28.33
N HIS A 167 -11.93 26.22 27.95
CA HIS A 167 -11.24 27.31 28.64
C HIS A 167 -12.03 28.61 28.53
N LYS A 168 -12.44 28.96 27.31
CA LYS A 168 -13.23 30.17 27.13
C LYS A 168 -14.57 30.05 27.85
N MET A 169 -15.17 28.86 27.85
CA MET A 169 -16.39 28.65 28.60
C MET A 169 -16.16 28.86 30.10
N ASP A 170 -15.06 28.34 30.62
CA ASP A 170 -14.73 28.52 32.03
C ASP A 170 -14.03 29.85 32.30
N LYS A 171 -13.54 30.54 31.26
CA LYS A 171 -12.92 31.83 31.47
C LYS A 171 -13.96 32.93 31.69
N GLU A 172 -15.11 32.85 31.01
CA GLU A 172 -16.15 33.85 31.19
C GLU A 172 -16.97 33.63 32.46
N ILE A 173 -17.15 32.39 32.88
CA ILE A 173 -18.02 32.11 34.02
C ILE A 173 -17.47 32.72 35.30
N ASN A 174 -16.15 32.75 35.45
CA ASN A 174 -15.54 33.29 36.67
C ASN A 174 -15.97 34.73 36.91
N PHE A 328 -16.93 4.09 29.91
CA PHE A 328 -17.09 5.08 28.85
C PHE A 328 -17.64 4.43 27.60
N LYS A 329 -18.37 5.20 26.80
CA LYS A 329 -19.01 4.67 25.61
C LYS A 329 -17.97 4.30 24.56
N ARG A 330 -18.07 3.09 24.02
CA ARG A 330 -17.17 2.60 22.99
C ARG A 330 -17.98 1.83 21.97
N THR A 331 -17.67 2.05 20.68
CA THR A 331 -18.44 1.44 19.62
C THR A 331 -18.14 -0.05 19.51
N LYS A 332 -19.09 -0.77 18.91
CA LYS A 332 -18.85 -2.17 18.60
C LYS A 332 -17.67 -2.32 17.64
N ILE A 333 -17.58 -1.44 16.65
CA ILE A 333 -16.45 -1.46 15.73
C ILE A 333 -15.15 -1.18 16.46
N ASP A 334 -15.19 -0.31 17.47
CA ASP A 334 -13.97 0.01 18.20
C ASP A 334 -13.37 -1.23 18.84
N TYR A 335 -14.20 -2.09 19.43
CA TYR A 335 -13.71 -3.36 19.96
C TYR A 335 -13.18 -4.25 18.84
N LEU A 336 -13.93 -4.34 17.73
CA LEU A 336 -13.48 -5.16 16.61
C LEU A 336 -12.16 -4.65 16.04
N MET A 337 -12.03 -3.33 15.91
CA MET A 337 -10.77 -2.74 15.46
C MET A 337 -9.64 -3.08 16.43
N ASN A 338 -9.92 -3.02 17.73
CA ASN A 338 -8.88 -3.29 18.72
C ASN A 338 -8.37 -4.72 18.60
N TYR A 339 -9.28 -5.69 18.47
CA TYR A 339 -8.88 -7.08 18.37
C TYR A 339 -8.07 -7.33 17.11
N MET A 340 -8.46 -6.73 16.00
CA MET A 340 -7.79 -6.97 14.73
C MET A 340 -6.37 -6.45 14.75
N VAL A 341 -6.09 -5.39 15.52
CA VAL A 341 -4.72 -4.91 15.65
C VAL A 341 -3.86 -5.96 16.34
N TYR A 342 -4.40 -6.59 17.39
CA TYR A 342 -3.68 -7.70 18.02
C TYR A 342 -3.55 -8.87 17.05
N THR A 343 -4.62 -9.16 16.31
CA THR A 343 -4.55 -10.24 15.33
C THR A 343 -3.43 -10.02 14.33
N ILE A 344 -3.16 -8.76 13.98
CA ILE A 344 -2.06 -8.46 13.08
C ILE A 344 -0.72 -8.73 13.74
N PHE A 345 -0.63 -8.53 15.06
CA PHE A 345 0.63 -8.75 15.76
C PHE A 345 1.06 -10.21 15.66
N VAL A 346 0.15 -11.13 16.02
CA VAL A 346 0.50 -12.55 15.99
C VAL A 346 0.87 -12.98 14.58
N VAL A 347 0.09 -12.55 13.59
CA VAL A 347 0.43 -12.85 12.20
C VAL A 347 1.77 -12.23 11.85
N LEU A 348 1.99 -10.99 12.29
CA LEU A 348 3.29 -10.36 12.09
C LEU A 348 4.39 -11.12 12.82
N ILE A 349 4.12 -11.53 14.07
CA ILE A 349 5.11 -12.30 14.82
C ILE A 349 5.34 -13.66 14.15
N LEU A 350 4.24 -14.33 13.77
CA LEU A 350 4.37 -15.67 13.19
C LEU A 350 5.20 -15.64 11.91
N LEU A 351 4.87 -14.71 11.01
CA LEU A 351 5.60 -14.62 9.75
C LEU A 351 7.06 -14.26 9.99
N SER A 352 7.32 -13.34 10.92
CA SER A 352 8.70 -12.95 11.19
C SER A 352 9.52 -14.13 11.68
N ALA A 353 8.96 -14.93 12.59
CA ALA A 353 9.65 -16.14 13.01
C ALA A 353 9.70 -17.16 11.88
N GLY A 354 8.60 -17.30 11.13
CA GLY A 354 8.60 -18.23 10.02
C GLY A 354 9.67 -17.91 8.99
N LEU A 355 9.75 -16.64 8.59
CA LEU A 355 10.80 -16.23 7.67
C LEU A 355 12.16 -16.26 8.33
N ALA A 356 12.21 -16.12 9.66
CA ALA A 356 13.47 -16.28 10.37
C ALA A 356 13.97 -17.71 10.29
N ILE A 357 13.08 -18.68 10.46
CA ILE A 357 13.46 -20.09 10.32
C ILE A 357 13.92 -20.36 8.88
N GLY A 358 13.17 -19.85 7.91
CA GLY A 358 13.59 -20.00 6.52
C GLY A 358 14.92 -19.32 6.25
N HIS A 359 15.19 -18.21 6.93
CA HIS A 359 16.48 -17.55 6.79
C HIS A 359 17.58 -18.31 7.52
N ALA A 360 17.27 -18.93 8.66
CA ALA A 360 18.29 -19.65 9.41
C ALA A 360 18.85 -20.81 8.60
N TYR A 361 17.97 -21.58 7.95
CA TYR A 361 18.43 -22.67 7.12
C TYR A 361 19.11 -22.14 5.86
N TRP A 362 18.60 -21.04 5.31
CA TRP A 362 19.19 -20.47 4.10
C TRP A 362 20.64 -20.04 4.34
N GLU A 363 20.99 -19.72 5.58
CA GLU A 363 22.36 -19.32 5.87
C GLU A 363 23.30 -20.51 5.99
N ALA A 364 22.79 -21.65 6.47
CA ALA A 364 23.62 -22.85 6.55
C ALA A 364 23.80 -23.48 5.18
N GLN A 365 22.76 -23.42 4.33
CA GLN A 365 22.84 -24.01 3.01
C GLN A 365 23.55 -23.09 2.02
N VAL A 366 23.01 -21.89 1.82
CA VAL A 366 23.50 -20.98 0.79
C VAL A 366 24.36 -19.87 1.37
N GLY A 367 23.91 -19.25 2.47
CA GLY A 367 24.60 -18.08 2.98
C GLY A 367 26.03 -18.36 3.36
N ASN A 368 26.29 -19.52 3.95
CA ASN A 368 27.66 -19.84 4.37
C ASN A 368 28.58 -19.98 3.18
N SER A 369 28.20 -20.77 2.19
CA SER A 369 29.01 -20.95 0.99
C SER A 369 28.99 -19.74 0.07
N SER A 370 28.00 -18.87 0.22
CA SER A 370 27.92 -17.66 -0.60
C SER A 370 28.98 -16.67 -0.13
N TRP A 371 30.15 -16.70 -0.77
CA TRP A 371 31.25 -15.86 -0.30
C TRP A 371 30.91 -14.38 -0.38
N TYR A 372 30.05 -13.99 -1.33
CA TYR A 372 29.68 -12.60 -1.45
C TYR A 372 28.83 -12.12 -0.27
N LEU A 373 28.13 -13.03 0.40
CA LEU A 373 27.38 -12.69 1.62
C LEU A 373 28.21 -12.97 2.87
N TYR A 374 29.42 -12.44 2.92
CA TYR A 374 30.28 -12.54 4.09
C TYR A 374 30.47 -11.14 4.68
N ASP A 375 30.37 -11.04 6.00
CA ASP A 375 30.41 -9.75 6.67
C ASP A 375 31.35 -9.71 7.87
N GLY A 376 32.06 -10.80 8.17
CA GLY A 376 33.02 -10.82 9.24
C GLY A 376 32.47 -11.22 10.59
N GLU A 377 31.16 -11.13 10.79
CA GLU A 377 30.53 -11.55 12.03
C GLU A 377 30.32 -13.06 11.95
N ASP A 378 31.12 -13.81 12.71
CA ASP A 378 31.03 -15.27 12.69
C ASP A 378 29.76 -15.70 13.41
N ASP A 379 28.61 -15.46 12.75
CA ASP A 379 27.31 -15.73 13.33
C ASP A 379 26.81 -17.08 12.83
N THR A 380 26.53 -17.99 13.76
CA THR A 380 26.04 -19.30 13.39
C THR A 380 24.64 -19.17 12.77
N PRO A 381 24.23 -20.14 11.94
CA PRO A 381 22.93 -20.02 11.29
C PRO A 381 21.76 -19.89 12.25
N SER A 382 21.92 -20.29 13.51
CA SER A 382 20.86 -20.07 14.49
C SER A 382 20.81 -18.62 14.94
N TYR A 383 21.98 -17.99 15.09
CA TYR A 383 22.01 -16.61 15.58
C TYR A 383 21.57 -15.64 14.49
N ARG A 384 21.99 -15.86 13.25
CA ARG A 384 21.53 -15.02 12.14
C ARG A 384 20.01 -15.14 11.96
N GLY A 385 19.48 -16.35 12.12
CA GLY A 385 18.05 -16.52 12.04
C GLY A 385 17.31 -15.84 13.17
N PHE A 386 17.90 -15.85 14.37
CA PHE A 386 17.29 -15.13 15.48
C PHE A 386 17.26 -13.63 15.22
N LEU A 387 18.40 -13.05 14.85
CA LEU A 387 18.48 -11.61 14.70
C LEU A 387 17.48 -11.10 13.67
N ILE A 388 17.32 -11.83 12.56
CA ILE A 388 16.43 -11.37 11.50
C ILE A 388 14.98 -11.45 11.90
N PHE A 389 14.66 -12.10 13.02
CA PHE A 389 13.29 -12.07 13.51
C PHE A 389 12.86 -10.64 13.81
N TRP A 390 13.74 -9.88 14.44
CA TRP A 390 13.45 -8.46 14.67
C TRP A 390 13.46 -7.68 13.37
N GLY A 391 14.33 -8.06 12.43
CA GLY A 391 14.36 -7.38 11.15
C GLY A 391 13.06 -7.53 10.38
N TYR A 392 12.46 -8.72 10.42
CA TYR A 392 11.19 -8.95 9.74
C TYR A 392 9.99 -8.45 10.52
N ILE A 393 10.17 -8.12 11.80
CA ILE A 393 9.15 -7.36 12.52
C ILE A 393 9.13 -5.92 12.02
N ILE A 394 10.31 -5.35 11.78
CA ILE A 394 10.40 -3.97 11.34
C ILE A 394 9.90 -3.81 9.92
N VAL A 395 10.31 -4.70 9.01
CA VAL A 395 9.93 -4.56 7.62
C VAL A 395 8.42 -4.68 7.46
N LEU A 396 7.82 -5.67 8.13
CA LEU A 396 6.39 -5.92 8.06
C LEU A 396 5.61 -5.11 9.09
N ASN A 397 6.22 -4.07 9.65
CA ASN A 397 5.56 -3.29 10.71
C ASN A 397 4.28 -2.64 10.21
N THR A 398 4.32 -2.09 8.99
CA THR A 398 3.17 -1.39 8.44
C THR A 398 1.98 -2.33 8.16
N MET A 399 2.11 -3.63 8.44
CA MET A 399 0.92 -4.47 8.48
C MET A 399 -0.05 -3.97 9.54
N VAL A 400 0.48 -3.36 10.60
CA VAL A 400 -0.34 -2.68 11.60
C VAL A 400 -0.61 -1.29 11.06
N PRO A 401 -1.87 -0.91 10.78
CA PRO A 401 -2.12 0.40 10.18
C PRO A 401 -1.81 1.52 11.14
N ILE A 402 -1.00 2.47 10.69
CA ILE A 402 -0.57 3.56 11.56
C ILE A 402 -1.58 4.69 11.62
N SER A 403 -2.31 4.93 10.54
CA SER A 403 -3.33 5.99 10.49
C SER A 403 -4.73 5.43 10.68
N LEU A 404 -4.86 4.20 11.18
CA LEU A 404 -6.18 3.63 11.39
C LEU A 404 -6.98 4.45 12.38
N TYR A 405 -6.34 4.88 13.48
CA TYR A 405 -7.08 5.60 14.51
C TYR A 405 -7.45 6.99 14.02
N VAL A 406 -6.46 7.81 13.66
CA VAL A 406 -6.72 9.20 13.33
C VAL A 406 -7.78 9.31 12.24
N SER A 407 -7.75 8.40 11.27
CA SER A 407 -8.77 8.42 10.22
C SER A 407 -10.16 8.24 10.82
N VAL A 408 -10.26 7.48 11.91
CA VAL A 408 -11.59 7.17 12.46
C VAL A 408 -12.21 8.39 13.11
N GLU A 409 -11.41 9.18 13.85
CA GLU A 409 -11.96 10.41 14.40
C GLU A 409 -12.35 11.38 13.29
N VAL A 410 -11.57 11.41 12.21
CA VAL A 410 -11.88 12.31 11.11
C VAL A 410 -13.21 11.92 10.47
N ILE A 411 -13.42 10.63 10.21
CA ILE A 411 -14.70 10.19 9.65
C ILE A 411 -15.82 10.47 10.63
N ARG A 412 -15.63 10.10 11.89
CA ARG A 412 -16.69 10.30 12.88
C ARG A 412 -16.94 11.79 13.13
N LEU A 413 -15.88 12.58 13.21
CA LEU A 413 -16.05 14.02 13.41
C LEU A 413 -16.80 14.65 12.24
N GLY A 414 -16.43 14.29 11.02
CA GLY A 414 -17.13 14.82 9.86
C GLY A 414 -18.57 14.36 9.80
N GLN A 415 -18.81 13.09 10.11
CA GLN A 415 -20.17 12.57 10.07
C GLN A 415 -21.04 13.22 11.14
N SER A 416 -20.46 13.52 12.31
CA SER A 416 -21.20 14.21 13.35
C SER A 416 -21.62 15.60 12.91
N HIS A 417 -20.75 16.29 12.18
CA HIS A 417 -21.07 17.65 11.74
C HIS A 417 -22.25 17.66 10.78
N PHE A 418 -22.40 16.62 9.95
CA PHE A 418 -23.56 16.57 9.06
C PHE A 418 -24.86 16.52 9.84
N ILE A 419 -24.83 15.95 11.05
CA ILE A 419 -26.00 16.02 11.91
C ILE A 419 -26.26 17.46 12.33
N ASN A 420 -25.20 18.19 12.69
CA ASN A 420 -25.38 19.58 13.12
C ASN A 420 -25.94 20.42 11.98
N TRP A 421 -25.44 20.23 10.76
CA TRP A 421 -25.79 21.09 9.64
C TRP A 421 -27.10 20.72 8.97
N ASP A 422 -27.68 19.55 9.29
CA ASP A 422 -28.86 19.09 8.58
C ASP A 422 -30.03 20.05 8.75
N LEU A 423 -30.38 20.76 7.68
CA LEU A 423 -31.54 21.65 7.73
C LEU A 423 -32.84 20.88 7.93
N GLN A 424 -32.87 19.61 7.57
CA GLN A 424 -34.08 18.82 7.76
C GLN A 424 -34.31 18.48 9.23
N MET A 425 -33.24 18.27 9.98
CA MET A 425 -33.33 18.04 11.42
C MET A 425 -33.17 19.35 12.20
N TYR A 426 -33.97 20.34 11.84
CA TYR A 426 -33.87 21.67 12.42
C TYR A 426 -35.27 22.20 12.69
N TYR A 427 -35.44 22.85 13.83
CA TYR A 427 -36.73 23.37 14.28
C TYR A 427 -36.77 24.87 14.06
N ALA A 428 -37.89 25.35 13.51
CA ALA A 428 -37.94 26.72 13.02
C ALA A 428 -38.18 27.74 14.15
N GLU A 429 -39.34 27.65 14.79
CA GLU A 429 -39.72 28.72 15.72
C GLU A 429 -38.88 28.68 16.99
N LYS A 430 -38.48 27.49 17.45
CA LYS A 430 -37.55 27.41 18.57
C LYS A 430 -36.11 27.68 18.14
N ASP A 431 -35.82 27.59 16.83
CA ASP A 431 -34.49 27.89 16.31
C ASP A 431 -33.42 27.03 16.98
N THR A 432 -33.72 25.74 17.12
CA THR A 432 -32.81 24.77 17.75
C THR A 432 -32.45 23.70 16.74
N PRO A 433 -31.25 23.75 16.17
CA PRO A 433 -30.83 22.69 15.24
C PRO A 433 -30.44 21.42 15.99
N ALA A 434 -30.08 20.41 15.21
CA ALA A 434 -29.54 19.19 15.79
C ALA A 434 -28.11 19.42 16.26
N LYS A 435 -27.69 18.65 17.27
CA LYS A 435 -26.35 18.80 17.83
C LYS A 435 -25.83 17.43 18.24
N ALA A 436 -24.74 17.01 17.63
CA ALA A 436 -24.01 15.80 18.04
C ALA A 436 -22.92 16.25 19.00
N ARG A 437 -23.16 16.05 20.29
CA ARG A 437 -22.24 16.50 21.32
C ARG A 437 -21.19 15.46 21.68
N THR A 438 -21.26 14.27 21.10
CA THR A 438 -20.15 13.32 21.11
C THR A 438 -19.83 12.97 19.67
N THR A 439 -18.56 13.13 19.29
CA THR A 439 -18.12 12.97 17.92
C THR A 439 -17.37 11.64 17.71
N THR A 440 -17.67 10.65 18.55
CA THR A 440 -17.02 9.35 18.45
C THR A 440 -18.00 8.18 18.38
N LEU A 441 -19.30 8.43 18.40
CA LEU A 441 -20.32 7.39 18.33
C LEU A 441 -21.16 7.65 17.08
N ASN A 442 -20.67 7.18 15.93
CA ASN A 442 -21.33 7.45 14.65
C ASN A 442 -21.79 6.18 13.96
N GLU A 443 -20.88 5.24 13.70
CA GLU A 443 -21.30 4.00 13.05
C GLU A 443 -22.30 3.25 13.90
N GLN A 444 -22.29 3.49 15.21
CA GLN A 444 -23.24 2.85 16.10
C GLN A 444 -24.67 3.34 15.86
N LEU A 445 -24.83 4.59 15.41
CA LEU A 445 -26.15 5.05 15.00
C LEU A 445 -26.71 4.16 13.89
N GLY A 446 -25.83 3.59 13.07
CA GLY A 446 -26.25 2.62 12.07
C GLY A 446 -26.40 1.20 12.58
N GLN A 447 -25.97 0.94 13.82
CA GLN A 447 -26.04 -0.38 14.42
C GLN A 447 -27.05 -0.44 15.57
N ILE A 448 -27.90 0.55 15.69
CA ILE A 448 -28.85 0.59 16.81
C ILE A 448 -29.82 -0.57 16.69
N HIS A 449 -30.02 -1.27 17.81
CA HIS A 449 -31.00 -2.34 17.90
C HIS A 449 -32.23 -1.97 18.71
N TYR A 450 -32.05 -1.21 19.80
CA TYR A 450 -33.14 -0.86 20.70
C TYR A 450 -33.22 0.64 20.88
N ILE A 451 -34.45 1.14 20.99
CA ILE A 451 -34.72 2.55 21.23
C ILE A 451 -35.52 2.66 22.52
N PHE A 452 -35.03 3.46 23.45
CA PHE A 452 -35.74 3.75 24.69
C PHE A 452 -36.17 5.20 24.67
N SER A 453 -37.48 5.44 24.78
CA SER A 453 -38.05 6.76 24.60
C SER A 453 -38.94 7.13 25.77
N ASP A 454 -38.77 8.35 26.27
CA ASP A 454 -39.74 8.95 27.18
C ASP A 454 -40.87 9.57 26.37
N LYS A 455 -42.05 9.64 26.99
CA LYS A 455 -43.23 10.18 26.33
C LYS A 455 -43.39 11.68 26.58
N THR A 456 -43.47 12.08 27.86
CA THR A 456 -43.68 13.48 28.20
C THR A 456 -42.40 14.25 27.89
N GLY A 457 -42.44 15.03 26.81
CA GLY A 457 -41.33 15.88 26.41
C GLY A 457 -40.64 15.47 25.13
N THR A 458 -40.79 14.22 24.70
CA THR A 458 -40.16 13.75 23.47
C THR A 458 -41.18 13.33 22.41
N LEU A 459 -42.12 12.44 22.75
CA LEU A 459 -43.20 12.12 21.83
C LEU A 459 -44.29 13.18 21.81
N THR A 460 -44.26 14.13 22.74
CA THR A 460 -45.22 15.21 22.80
C THR A 460 -44.49 16.55 22.82
N GLN A 461 -45.26 17.63 22.62
CA GLN A 461 -44.75 18.98 22.79
C GLN A 461 -44.76 19.41 24.25
N ASN A 462 -45.49 18.70 25.11
CA ASN A 462 -45.61 19.07 26.51
C ASN A 462 -46.37 20.39 26.65
N ILE A 463 -47.03 20.84 25.59
CA ILE A 463 -47.78 22.09 25.61
C ILE A 463 -49.26 21.78 25.53
N ASP A 708 -51.66 16.64 26.79
CA ASP A 708 -50.67 16.92 25.75
C ASP A 708 -51.02 16.20 24.45
N LYS A 709 -50.55 16.74 23.34
CA LYS A 709 -50.81 16.19 22.02
C LYS A 709 -49.52 15.60 21.46
N LEU A 710 -49.67 14.49 20.73
CA LEU A 710 -48.52 13.85 20.11
C LEU A 710 -47.73 14.84 19.29
N GLN A 711 -46.45 14.51 19.06
CA GLN A 711 -45.55 15.40 18.37
C GLN A 711 -45.60 15.12 16.87
N ASP A 712 -45.56 16.20 16.08
CA ASP A 712 -45.77 16.07 14.64
C ASP A 712 -44.75 15.12 14.02
N GLY A 713 -45.23 14.18 13.22
CA GLY A 713 -44.39 13.23 12.54
C GLY A 713 -43.99 12.02 13.34
N VAL A 714 -44.36 11.97 14.62
CA VAL A 714 -44.06 10.78 15.42
C VAL A 714 -44.76 9.54 14.88
N PRO A 715 -46.06 9.58 14.54
CA PRO A 715 -46.69 8.33 14.04
C PRO A 715 -46.01 7.75 12.81
N GLU A 716 -45.43 8.60 11.96
CA GLU A 716 -44.73 8.08 10.79
C GLU A 716 -43.24 7.86 11.07
N THR A 717 -42.68 8.54 12.08
CA THR A 717 -41.30 8.24 12.48
C THR A 717 -41.23 6.92 13.25
N ILE A 718 -42.20 6.67 14.13
CA ILE A 718 -42.23 5.42 14.87
C ILE A 718 -42.40 4.24 13.91
N SER A 719 -43.28 4.38 12.91
CA SER A 719 -43.51 3.30 11.96
C SER A 719 -42.29 3.09 11.08
N LYS A 720 -41.61 4.17 10.68
CA LYS A 720 -40.48 4.04 9.78
C LYS A 720 -39.37 3.20 10.41
N LEU A 721 -39.01 3.51 11.65
CA LEU A 721 -37.96 2.75 12.32
C LEU A 721 -38.38 1.30 12.55
N ALA A 722 -39.66 1.06 12.81
CA ALA A 722 -40.13 -0.32 12.94
C ALA A 722 -39.91 -1.09 11.66
N LYS A 723 -40.20 -0.46 10.51
CA LYS A 723 -39.91 -1.08 9.23
C LYS A 723 -38.41 -1.30 9.04
N ALA A 724 -37.57 -0.52 9.71
CA ALA A 724 -36.14 -0.73 9.72
C ALA A 724 -35.71 -1.77 10.75
N ASP A 725 -36.67 -2.43 11.40
CA ASP A 725 -36.39 -3.53 12.33
C ASP A 725 -35.61 -3.05 13.55
N ILE A 726 -36.01 -1.90 14.08
CA ILE A 726 -35.53 -1.40 15.36
C ILE A 726 -36.69 -1.49 16.34
N LYS A 727 -36.51 -2.27 17.41
CA LYS A 727 -37.54 -2.35 18.43
C LYS A 727 -37.59 -1.06 19.23
N ILE A 728 -38.80 -0.64 19.58
CA ILE A 728 -39.03 0.61 20.30
C ILE A 728 -39.63 0.24 21.65
N TRP A 729 -39.03 0.74 22.72
CA TRP A 729 -39.56 0.59 24.07
C TRP A 729 -39.80 1.96 24.67
N VAL A 730 -40.93 2.11 25.36
CA VAL A 730 -41.28 3.33 26.07
C VAL A 730 -41.28 3.02 27.56
N LEU A 731 -40.53 3.81 28.33
CA LEU A 731 -40.41 3.65 29.77
C LEU A 731 -40.79 4.98 30.39
N THR A 732 -42.08 5.17 30.60
CA THR A 732 -42.64 6.46 31.01
C THR A 732 -44.11 6.25 31.35
N GLY A 733 -44.82 7.35 31.61
CA GLY A 733 -46.26 7.29 31.74
C GLY A 733 -46.71 6.83 33.11
N ASP A 734 -48.02 6.55 33.21
CA ASP A 734 -48.67 6.16 34.46
C ASP A 734 -49.54 4.93 34.20
N LYS A 735 -48.95 3.75 34.36
CA LYS A 735 -49.70 2.50 34.35
C LYS A 735 -50.39 2.29 33.00
N LYS A 736 -51.18 1.21 32.88
CA LYS A 736 -51.81 0.88 31.61
C LYS A 736 -52.72 2.00 31.10
N GLU A 737 -53.20 2.86 31.99
CA GLU A 737 -54.13 3.91 31.58
C GLU A 737 -53.53 4.78 30.48
N THR A 738 -52.43 5.47 30.78
CA THR A 738 -51.79 6.30 29.77
C THR A 738 -51.06 5.46 28.73
N ALA A 739 -50.67 4.24 29.09
CA ALA A 739 -49.95 3.38 28.16
C ALA A 739 -50.80 3.05 26.94
N GLU A 740 -51.91 2.35 27.15
CA GLU A 740 -52.72 1.88 26.03
C GLU A 740 -53.37 3.03 25.27
N ASN A 741 -53.71 4.12 25.96
CA ASN A 741 -54.36 5.24 25.29
C ASN A 741 -53.48 5.81 24.20
N ILE A 742 -52.19 6.00 24.50
CA ILE A 742 -51.24 6.47 23.50
C ILE A 742 -50.46 5.32 22.87
N GLY A 743 -50.34 4.18 23.56
CA GLY A 743 -49.67 3.03 22.96
C GLY A 743 -50.38 2.52 21.74
N PHE A 744 -51.71 2.38 21.82
CA PHE A 744 -52.49 2.02 20.64
C PHE A 744 -52.40 3.08 19.57
N ALA A 745 -52.17 4.34 19.97
CA ALA A 745 -51.98 5.43 19.02
C ALA A 745 -50.57 5.30 18.42
N CYS A 746 -50.18 6.28 17.61
CA CYS A 746 -48.88 6.27 16.94
C CYS A 746 -48.74 5.04 16.05
N GLU A 747 -49.86 4.57 15.50
CA GLU A 747 -49.88 3.39 14.64
C GLU A 747 -49.32 2.18 15.38
N LEU A 748 -49.97 1.83 16.48
CA LEU A 748 -49.61 0.71 17.34
C LEU A 748 -48.26 0.89 18.01
N LEU A 749 -47.70 2.11 17.97
CA LEU A 749 -46.40 2.37 18.57
C LEU A 749 -45.32 1.47 17.96
N ALA A 862 -42.86 -4.83 21.36
CA ALA A 862 -43.07 -3.57 22.06
C ALA A 862 -43.47 -3.82 23.51
N VAL A 863 -42.68 -3.30 24.45
CA VAL A 863 -42.94 -3.41 25.87
C VAL A 863 -43.22 -2.01 26.40
N ILE A 864 -44.27 -1.89 27.20
CA ILE A 864 -44.76 -0.58 27.63
C ILE A 864 -44.72 -0.49 29.15
N CYS A 865 -43.71 -1.11 29.77
CA CYS A 865 -43.55 -1.02 31.21
C CYS A 865 -43.49 0.44 31.64
N CYS A 866 -44.52 0.87 32.38
CA CYS A 866 -44.69 2.26 32.79
C CYS A 866 -44.43 2.40 34.28
N ARG A 867 -44.65 3.61 34.79
CA ARG A 867 -44.47 3.98 36.18
C ARG A 867 -43.00 4.01 36.59
N VAL A 868 -42.07 3.75 35.66
CA VAL A 868 -40.68 3.52 36.04
C VAL A 868 -40.09 4.81 36.61
N THR A 869 -39.57 4.72 37.82
CA THR A 869 -38.76 5.79 38.38
C THR A 869 -37.38 5.77 37.73
N PRO A 870 -36.62 6.87 37.81
CA PRO A 870 -35.32 6.89 37.14
C PRO A 870 -34.40 5.75 37.55
N LYS A 871 -34.50 5.28 38.80
CA LYS A 871 -33.76 4.08 39.18
C LYS A 871 -34.19 2.90 38.33
N GLN A 872 -35.49 2.73 38.13
CA GLN A 872 -35.98 1.64 37.29
C GLN A 872 -35.63 1.86 35.83
N LYS A 873 -35.55 3.12 35.39
CA LYS A 873 -35.26 3.41 33.99
C LYS A 873 -33.89 2.87 33.58
N ALA A 874 -32.86 3.20 34.34
CA ALA A 874 -31.53 2.69 34.03
C ALA A 874 -31.44 1.19 34.27
N MET A 875 -32.13 0.68 35.29
CA MET A 875 -32.12 -0.75 35.56
C MET A 875 -32.68 -1.54 34.38
N VAL A 876 -33.78 -1.05 33.79
CA VAL A 876 -34.40 -1.76 32.67
C VAL A 876 -33.48 -1.75 31.45
N VAL A 877 -32.75 -0.66 31.25
CA VAL A 877 -31.84 -0.60 30.10
C VAL A 877 -30.80 -1.70 30.18
N ASP A 878 -30.23 -1.91 31.37
CA ASP A 878 -29.19 -2.92 31.53
C ASP A 878 -29.73 -4.34 31.31
N LEU A 879 -31.03 -4.56 31.51
CA LEU A 879 -31.58 -5.89 31.29
C LEU A 879 -31.40 -6.33 29.84
N VAL A 880 -31.70 -5.44 28.89
CA VAL A 880 -31.55 -5.78 27.49
C VAL A 880 -30.08 -5.89 27.12
N LYS A 881 -29.25 -5.00 27.65
CA LYS A 881 -27.83 -4.97 27.27
C LYS A 881 -27.10 -6.24 27.72
N ARG A 882 -27.26 -6.62 29.00
CA ARG A 882 -26.52 -7.75 29.54
C ARG A 882 -27.08 -9.08 29.02
N TYR A 883 -28.40 -9.23 29.03
CA TYR A 883 -29.04 -10.49 28.67
C TYR A 883 -29.37 -10.59 27.19
N LYS A 884 -29.02 -9.60 26.39
CA LYS A 884 -29.18 -9.68 24.94
C LYS A 884 -27.96 -9.22 24.16
N LYS A 885 -27.01 -8.52 24.80
CA LYS A 885 -25.75 -8.12 24.15
C LYS A 885 -26.03 -7.34 22.87
N ALA A 886 -26.93 -6.37 22.98
CA ALA A 886 -27.37 -5.58 21.84
C ALA A 886 -27.12 -4.09 22.11
N ILE A 887 -27.01 -3.34 21.04
CA ILE A 887 -26.78 -1.90 21.11
C ILE A 887 -28.12 -1.19 21.28
N THR A 888 -28.14 -0.19 22.15
CA THR A 888 -29.35 0.54 22.49
C THR A 888 -29.13 2.03 22.38
N LEU A 889 -30.19 2.74 21.98
CA LEU A 889 -30.19 4.20 21.92
C LEU A 889 -31.32 4.71 22.81
N ALA A 890 -30.99 5.61 23.72
CA ALA A 890 -31.97 6.19 24.64
C ALA A 890 -32.27 7.62 24.23
N ILE A 891 -33.56 7.94 24.14
CA ILE A 891 -34.02 9.27 23.79
C ILE A 891 -34.98 9.76 24.87
N GLY A 892 -34.78 10.99 25.33
CA GLY A 892 -35.61 11.51 26.39
C GLY A 892 -35.32 12.97 26.64
N ASP A 893 -35.95 13.49 27.70
CA ASP A 893 -35.72 14.86 28.14
C ASP A 893 -36.04 14.94 29.62
N GLY A 894 -35.42 15.91 30.28
CA GLY A 894 -35.65 16.11 31.70
C GLY A 894 -34.74 15.25 32.57
N ALA A 895 -34.73 15.59 33.86
CA ALA A 895 -33.83 14.91 34.79
C ALA A 895 -34.16 13.42 34.88
N ASN A 896 -35.44 13.06 34.94
CA ASN A 896 -35.81 11.68 35.15
C ASN A 896 -35.32 10.76 34.04
N ASP A 897 -34.99 11.31 32.87
CA ASP A 897 -34.51 10.50 31.76
C ASP A 897 -33.00 10.36 31.73
N VAL A 898 -32.25 11.28 32.32
CA VAL A 898 -30.79 11.23 32.27
C VAL A 898 -30.26 9.89 32.78
N ASN A 899 -31.05 9.14 33.55
CA ASN A 899 -30.60 7.85 34.03
C ASN A 899 -30.35 6.89 32.87
N MET A 900 -31.30 6.77 31.93
CA MET A 900 -31.10 5.87 30.81
C MET A 900 -30.12 6.43 29.78
N ILE A 901 -29.99 7.76 29.72
CA ILE A 901 -29.14 8.36 28.69
C ILE A 901 -27.70 7.90 28.86
N LYS A 902 -27.23 7.80 30.10
CA LYS A 902 -25.84 7.40 30.33
C LYS A 902 -25.64 5.91 30.07
N THR A 903 -26.56 5.09 30.58
CA THR A 903 -26.40 3.64 30.44
C THR A 903 -26.50 3.20 28.99
N ALA A 904 -27.42 3.77 28.23
CA ALA A 904 -27.62 3.35 26.84
C ALA A 904 -26.40 3.68 26.01
N HIS A 905 -26.18 2.87 24.97
CA HIS A 905 -25.01 3.06 24.11
C HIS A 905 -25.02 4.43 23.46
N ILE A 906 -26.19 4.87 22.99
CA ILE A 906 -26.37 6.20 22.42
C ILE A 906 -27.46 6.91 23.21
N GLY A 907 -27.16 8.14 23.62
CA GLY A 907 -28.10 8.96 24.37
C GLY A 907 -28.56 10.14 23.54
N VAL A 908 -29.88 10.31 23.46
CA VAL A 908 -30.50 11.38 22.70
C VAL A 908 -31.30 12.26 23.65
N GLY A 909 -31.10 13.56 23.58
CA GLY A 909 -31.81 14.49 24.45
C GLY A 909 -32.62 15.54 23.72
N ILE A 910 -33.94 15.44 23.79
CA ILE A 910 -34.80 16.45 23.18
C ILE A 910 -34.76 17.72 24.02
N SER A 911 -34.74 18.87 23.34
CA SER A 911 -34.78 20.15 24.06
C SER A 911 -36.03 20.24 24.92
N GLY A 912 -37.19 19.98 24.33
CA GLY A 912 -38.43 19.86 25.09
C GLY A 912 -38.74 21.07 25.97
N GLN A 913 -39.79 20.88 26.77
CA GLN A 913 -40.24 21.89 27.71
C GLN A 913 -39.97 21.52 29.17
N GLU A 914 -39.68 20.25 29.46
CA GLU A 914 -39.37 19.86 30.83
C GLU A 914 -38.19 20.65 31.37
N GLY A 915 -37.17 20.86 30.54
CA GLY A 915 -36.03 21.65 30.93
C GLY A 915 -34.80 21.35 30.10
N MET A 916 -34.03 22.39 29.74
CA MET A 916 -32.81 22.20 28.97
C MET A 916 -31.74 21.66 29.93
N GLN A 917 -31.94 20.40 30.31
CA GLN A 917 -31.08 19.76 31.31
C GLN A 917 -30.69 18.33 30.97
N ALA A 918 -31.40 17.65 30.08
CA ALA A 918 -31.04 16.29 29.65
C ALA A 918 -30.35 16.27 28.29
N VAL A 919 -30.09 17.43 27.69
CA VAL A 919 -29.48 17.46 26.37
C VAL A 919 -27.96 17.39 26.48
N MET A 920 -27.36 18.15 27.40
CA MET A 920 -25.92 18.14 27.55
C MET A 920 -25.42 16.83 28.16
N SER A 921 -26.30 16.06 28.80
CA SER A 921 -25.95 14.77 29.37
C SER A 921 -26.24 13.63 28.40
N SER A 922 -26.18 13.90 27.10
CA SER A 922 -26.54 12.92 26.07
C SER A 922 -25.50 12.98 24.96
N ASP A 923 -25.78 12.26 23.88
CA ASP A 923 -24.90 12.21 22.72
C ASP A 923 -25.40 13.06 21.55
N TYR A 924 -26.71 13.09 21.32
CA TYR A 924 -27.30 13.89 20.27
C TYR A 924 -28.54 14.57 20.82
N SER A 925 -28.74 15.84 20.48
CA SER A 925 -29.74 16.66 21.15
C SER A 925 -30.57 17.46 20.16
N PHE A 926 -31.10 16.81 19.13
CA PHE A 926 -31.96 17.51 18.20
C PHE A 926 -33.30 17.85 18.87
N ALA A 927 -34.06 18.72 18.21
CA ALA A 927 -35.21 19.38 18.82
C ALA A 927 -36.48 18.54 18.82
N GLN A 928 -36.65 17.63 17.87
CA GLN A 928 -37.89 16.89 17.74
C GLN A 928 -37.63 15.40 17.55
N PHE A 929 -38.55 14.58 18.08
CA PHE A 929 -38.45 13.14 17.92
C PHE A 929 -38.52 12.73 16.46
N ARG A 930 -39.28 13.46 15.65
CA ARG A 930 -39.38 13.13 14.23
C ARG A 930 -38.01 13.15 13.56
N TYR A 931 -37.08 13.96 14.06
CA TYR A 931 -35.74 14.01 13.53
C TYR A 931 -34.96 12.73 13.77
N LEU A 932 -35.53 11.78 14.52
CA LEU A 932 -34.88 10.48 14.71
C LEU A 932 -34.79 9.69 13.41
N GLN A 933 -35.66 9.96 12.44
CA GLN A 933 -35.59 9.25 11.17
C GLN A 933 -34.26 9.52 10.46
N ARG A 934 -33.91 10.80 10.31
CA ARG A 934 -32.69 11.15 9.59
C ARG A 934 -31.46 10.80 10.40
N LEU A 935 -31.57 10.75 11.73
CA LEU A 935 -30.41 10.43 12.55
C LEU A 935 -29.90 9.02 12.26
N LEU A 936 -30.81 8.06 12.12
CA LEU A 936 -30.47 6.67 11.88
C LEU A 936 -30.58 6.28 10.41
N LEU A 937 -31.75 6.47 9.80
CA LEU A 937 -31.95 6.02 8.43
C LEU A 937 -30.99 6.70 7.46
N VAL A 938 -30.64 7.96 7.71
CA VAL A 938 -29.76 8.72 6.83
C VAL A 938 -28.37 8.85 7.44
N HIS A 939 -28.26 9.51 8.60
CA HIS A 939 -26.95 9.76 9.18
C HIS A 939 -26.36 8.49 9.79
N GLY A 940 -27.17 7.74 10.54
CA GLY A 940 -26.68 6.51 11.12
C GLY A 940 -26.40 5.44 10.09
N ARG A 941 -27.32 5.24 9.15
CA ARG A 941 -27.17 4.20 8.14
C ARG A 941 -25.94 4.47 7.28
N TRP A 942 -25.80 5.70 6.78
CA TRP A 942 -24.66 6.02 5.93
C TRP A 942 -23.35 5.92 6.71
N SER A 943 -23.38 6.26 8.00
CA SER A 943 -22.15 6.22 8.80
C SER A 943 -21.60 4.80 8.89
N TYR A 944 -22.49 3.82 9.09
CA TYR A 944 -22.04 2.43 9.17
C TYR A 944 -21.46 1.96 7.85
N ILE A 945 -22.16 2.25 6.74
CA ILE A 945 -21.65 1.86 5.43
C ILE A 945 -20.34 2.59 5.15
N ARG A 946 -20.28 3.87 5.46
CA ARG A 946 -19.06 4.64 5.24
C ARG A 946 -17.91 4.10 6.09
N MET A 947 -18.20 3.75 7.34
CA MET A 947 -17.14 3.24 8.22
C MET A 947 -16.67 1.86 7.77
N CYS A 948 -17.61 0.94 7.51
CA CYS A 948 -17.21 -0.41 7.14
C CYS A 948 -16.47 -0.42 5.81
N LYS A 949 -16.93 0.38 4.84
CA LYS A 949 -16.20 0.49 3.58
C LYS A 949 -14.80 1.02 3.82
N PHE A 950 -14.65 1.94 4.78
CA PHE A 950 -13.33 2.48 5.09
C PHE A 950 -12.41 1.39 5.63
N LEU A 951 -12.87 0.65 6.65
CA LEU A 951 -12.03 -0.38 7.25
C LEU A 951 -11.76 -1.52 6.27
N ARG A 952 -12.78 -1.93 5.52
CA ARG A 952 -12.56 -2.98 4.53
C ARG A 952 -11.46 -2.61 3.55
N TYR A 953 -11.46 -1.36 3.10
CA TYR A 953 -10.40 -0.87 2.23
C TYR A 953 -9.12 -0.58 3.00
N PHE A 954 -9.22 -0.16 4.25
CA PHE A 954 -8.03 0.27 4.99
C PHE A 954 -7.10 -0.91 5.27
N PHE A 955 -7.66 -2.03 5.71
CA PHE A 955 -6.81 -3.19 5.99
C PHE A 955 -6.30 -3.83 4.70
N TYR A 956 -7.13 -3.85 3.66
CA TYR A 956 -6.68 -4.35 2.36
C TYR A 956 -5.47 -3.58 1.85
N LYS A 957 -5.56 -2.25 1.81
CA LYS A 957 -4.53 -1.47 1.16
C LYS A 957 -3.23 -1.44 1.95
N ASN A 958 -3.24 -1.91 3.20
CA ASN A 958 -2.01 -2.07 3.97
C ASN A 958 -1.41 -3.46 3.77
N PHE A 959 -2.26 -4.49 3.77
CA PHE A 959 -1.79 -5.85 3.52
C PHE A 959 -1.30 -5.99 2.08
N ALA A 960 -2.06 -5.44 1.13
CA ALA A 960 -1.62 -5.45 -0.26
C ALA A 960 -0.33 -4.68 -0.45
N PHE A 961 0.02 -3.81 0.50
CA PHE A 961 1.19 -2.96 0.41
C PHE A 961 2.41 -3.59 1.09
N THR A 962 2.23 -4.10 2.31
CA THR A 962 3.35 -4.66 3.06
C THR A 962 3.75 -6.04 2.57
N LEU A 963 2.79 -6.88 2.21
CA LEU A 963 3.07 -8.28 1.96
C LEU A 963 3.99 -8.49 0.76
N VAL A 964 4.22 -7.46 -0.06
CA VAL A 964 5.18 -7.59 -1.14
C VAL A 964 6.55 -7.93 -0.59
N HIS A 965 6.84 -7.50 0.64
CA HIS A 965 8.10 -7.90 1.29
C HIS A 965 8.14 -9.41 1.50
N PHE A 966 7.00 -10.00 1.88
CA PHE A 966 6.98 -11.43 2.16
C PHE A 966 7.25 -12.24 0.90
N TRP A 967 6.61 -11.88 -0.21
CA TRP A 967 6.87 -12.57 -1.47
C TRP A 967 8.30 -12.33 -1.93
N TYR A 968 8.80 -11.10 -1.80
CA TYR A 968 10.16 -10.77 -2.17
C TYR A 968 11.17 -11.36 -1.19
N SER A 969 10.70 -11.91 -0.07
CA SER A 969 11.57 -12.59 0.87
C SER A 969 12.14 -13.87 0.27
N PHE A 970 11.36 -14.53 -0.58
CA PHE A 970 11.78 -15.80 -1.16
C PHE A 970 12.81 -15.64 -2.27
N PHE A 971 13.11 -14.42 -2.70
CA PHE A 971 14.06 -14.19 -3.78
C PHE A 971 15.20 -13.29 -3.34
N ASN A 972 15.42 -13.13 -2.04
CA ASN A 972 16.56 -12.38 -1.52
C ASN A 972 17.19 -13.10 -0.34
N GLY A 973 17.02 -14.42 -0.27
CA GLY A 973 17.55 -15.19 0.84
C GLY A 973 16.81 -15.01 2.14
N TYR A 974 15.54 -14.62 2.08
CA TYR A 974 14.77 -14.32 3.28
C TYR A 974 15.51 -13.30 4.15
N SER A 975 16.09 -12.30 3.51
CA SER A 975 16.97 -11.36 4.19
C SER A 975 16.27 -10.11 4.67
N ALA A 976 14.95 -10.00 4.47
CA ALA A 976 14.17 -8.86 4.94
C ALA A 976 14.65 -7.56 4.30
N GLN A 977 14.59 -7.52 2.97
CA GLN A 977 14.77 -6.29 2.22
C GLN A 977 13.42 -5.73 1.79
N THR A 978 13.35 -4.40 1.76
CA THR A 978 12.14 -3.72 1.33
C THR A 978 12.00 -3.80 -0.19
N ALA A 979 10.78 -4.02 -0.66
CA ALA A 979 10.47 -3.99 -2.08
C ALA A 979 10.13 -2.60 -2.59
N TYR A 980 10.13 -1.58 -1.71
CA TYR A 980 9.80 -0.22 -2.08
C TYR A 980 10.92 0.73 -1.69
N GLU A 981 10.75 1.99 -2.10
CA GLU A 981 11.53 3.07 -1.51
C GLU A 981 11.18 3.19 -0.04
N ASP A 982 12.20 3.38 0.80
CA ASP A 982 11.92 3.60 2.22
C ASP A 982 11.00 4.79 2.42
N TRP A 983 11.07 5.78 1.53
CA TRP A 983 10.19 6.94 1.60
C TRP A 983 8.81 6.66 1.05
N PHE A 984 8.61 5.55 0.34
CA PHE A 984 7.27 5.18 -0.09
C PHE A 984 6.45 4.62 1.06
N ILE A 985 7.10 3.95 2.02
CA ILE A 985 6.38 3.47 3.19
C ILE A 985 5.90 4.65 4.03
N THR A 986 6.71 5.71 4.12
CA THR A 986 6.35 6.86 4.94
C THR A 986 5.04 7.48 4.47
N LEU A 987 4.95 7.82 3.19
CA LEU A 987 3.84 8.61 2.67
C LEU A 987 2.69 7.76 2.16
N TYR A 988 2.84 6.43 2.11
CA TYR A 988 1.77 5.60 1.57
C TYR A 988 0.51 5.70 2.43
N ASN A 989 0.68 5.71 3.75
CA ASN A 989 -0.47 5.66 4.64
C ASN A 989 -1.10 7.03 4.87
N VAL A 990 -0.32 8.10 4.79
CA VAL A 990 -0.80 9.43 5.16
C VAL A 990 -1.12 10.24 3.92
N LEU A 991 -0.44 9.96 2.80
CA LEU A 991 -0.52 10.82 1.62
C LEU A 991 -1.17 10.11 0.44
N TYR A 992 -0.66 8.96 0.01
CA TYR A 992 -1.12 8.34 -1.22
C TYR A 992 -2.43 7.59 -1.07
N THR A 993 -2.81 7.18 0.15
CA THR A 993 -3.99 6.38 0.36
C THR A 993 -4.77 6.86 1.58
N SER A 994 -4.78 8.17 1.81
CA SER A 994 -5.47 8.75 2.95
C SER A 994 -6.73 9.51 2.57
N LEU A 995 -6.61 10.49 1.67
CA LEU A 995 -7.76 11.32 1.32
C LEU A 995 -8.90 10.51 0.68
N PRO A 996 -8.67 9.73 -0.38
CA PRO A 996 -9.81 9.12 -1.08
C PRO A 996 -10.66 8.23 -0.20
N VAL A 997 -10.05 7.49 0.73
CA VAL A 997 -10.86 6.70 1.65
C VAL A 997 -11.53 7.61 2.67
N LEU A 998 -10.88 8.71 3.06
CA LEU A 998 -11.51 9.66 3.97
C LEU A 998 -12.72 10.31 3.33
N LEU A 999 -12.58 10.76 2.08
CA LEU A 999 -13.71 11.39 1.38
C LEU A 999 -14.85 10.40 1.20
N MET A 1000 -14.54 9.15 0.90
CA MET A 1000 -15.58 8.13 0.83
C MET A 1000 -16.25 7.96 2.18
N GLY A 1001 -15.48 7.99 3.26
CA GLY A 1001 -16.04 7.85 4.59
C GLY A 1001 -16.98 8.98 4.98
N LEU A 1002 -16.93 10.09 4.25
CA LEU A 1002 -17.79 11.25 4.50
C LEU A 1002 -18.87 11.44 3.46
N LEU A 1003 -18.54 11.29 2.18
CA LEU A 1003 -19.44 11.68 1.10
C LEU A 1003 -20.16 10.49 0.45
N ASP A 1004 -19.72 9.27 0.68
CA ASP A 1004 -20.30 8.13 0.00
C ASP A 1004 -21.79 8.01 0.32
N GLN A 1005 -22.58 7.69 -0.71
CA GLN A 1005 -24.02 7.50 -0.58
C GLN A 1005 -24.44 6.36 -1.49
N ASP A 1006 -24.79 5.22 -0.90
CA ASP A 1006 -25.32 4.13 -1.70
C ASP A 1006 -26.63 4.55 -2.37
N VAL A 1007 -27.50 5.25 -1.63
CA VAL A 1007 -28.74 5.79 -2.16
C VAL A 1007 -28.93 7.20 -1.62
N SER A 1008 -29.82 7.94 -2.25
CA SER A 1008 -30.06 9.33 -1.87
C SER A 1008 -30.70 9.39 -0.49
N ASP A 1009 -30.63 10.58 0.12
CA ASP A 1009 -31.24 10.78 1.43
C ASP A 1009 -32.75 10.58 1.35
N LYS A 1010 -33.38 11.09 0.28
CA LYS A 1010 -34.83 10.90 0.11
C LYS A 1010 -35.16 9.43 -0.08
N LEU A 1011 -34.34 8.72 -0.86
CA LEU A 1011 -34.60 7.31 -1.11
C LEU A 1011 -34.32 6.46 0.12
N SER A 1012 -33.37 6.87 0.96
CA SER A 1012 -33.09 6.13 2.19
C SER A 1012 -34.28 6.19 3.13
N LEU A 1013 -34.95 7.34 3.22
CA LEU A 1013 -36.16 7.43 4.02
C LEU A 1013 -37.27 6.56 3.44
N ARG A 1014 -37.40 6.54 2.11
CA ARG A 1014 -38.45 5.75 1.48
C ARG A 1014 -38.19 4.25 1.58
N PHE A 1015 -36.96 3.85 1.90
CA PHE A 1015 -36.59 2.45 2.06
C PHE A 1015 -35.92 2.27 3.42
N PRO A 1016 -36.71 2.22 4.50
CA PRO A 1016 -36.12 1.93 5.81
C PRO A 1016 -35.46 0.57 5.89
N GLY A 1017 -35.80 -0.35 4.99
CA GLY A 1017 -35.26 -1.69 5.04
C GLY A 1017 -33.77 -1.77 4.79
N LEU A 1018 -33.14 -0.69 4.32
CA LEU A 1018 -31.70 -0.70 4.13
C LEU A 1018 -30.95 -0.64 5.45
N TYR A 1019 -31.64 -0.43 6.57
CA TYR A 1019 -30.96 -0.30 7.85
C TYR A 1019 -30.48 -1.64 8.39
N ILE A 1020 -31.21 -2.72 8.09
CA ILE A 1020 -30.86 -4.04 8.65
C ILE A 1020 -29.41 -4.40 8.34
N VAL A 1021 -28.82 -3.78 7.31
CA VAL A 1021 -27.43 -4.05 6.97
C VAL A 1021 -26.51 -3.70 8.13
N GLY A 1022 -26.95 -2.77 9.00
CA GLY A 1022 -26.14 -2.37 10.14
C GLY A 1022 -26.45 -3.16 11.39
N GLN A 1023 -27.73 -3.39 11.66
CA GLN A 1023 -28.12 -4.21 12.81
C GLN A 1023 -27.47 -5.59 12.71
N ARG A 1024 -27.64 -6.26 11.57
CA ARG A 1024 -27.05 -7.58 11.38
C ARG A 1024 -25.53 -7.52 11.33
N ASP A 1025 -24.95 -6.34 11.09
CA ASP A 1025 -23.51 -6.16 11.03
C ASP A 1025 -22.91 -7.06 9.94
N LEU A 1026 -23.28 -6.76 8.70
CA LEU A 1026 -22.88 -7.57 7.55
C LEU A 1026 -21.73 -6.99 6.75
N LEU A 1027 -21.52 -5.67 6.79
CA LEU A 1027 -20.52 -5.06 5.94
C LEU A 1027 -19.10 -5.10 6.51
N PHE A 1028 -18.94 -5.46 7.78
CA PHE A 1028 -17.59 -5.66 8.31
C PHE A 1028 -17.69 -6.64 9.49
N ASN A 1029 -17.41 -7.91 9.21
CA ASN A 1029 -17.36 -8.94 10.23
C ASN A 1029 -15.92 -9.17 10.67
N TYR A 1030 -15.74 -10.16 11.55
CA TYR A 1030 -14.40 -10.66 11.81
C TYR A 1030 -13.94 -11.54 10.67
N LYS A 1031 -14.87 -12.14 9.94
CA LYS A 1031 -14.53 -12.91 8.74
C LYS A 1031 -14.08 -12.01 7.62
N ARG A 1032 -14.82 -10.93 7.36
CA ARG A 1032 -14.49 -10.03 6.25
C ARG A 1032 -13.16 -9.33 6.48
N PHE A 1033 -12.66 -9.32 7.71
CA PHE A 1033 -11.30 -8.83 7.94
C PHE A 1033 -10.28 -9.70 7.21
N PHE A 1034 -10.48 -11.02 7.24
CA PHE A 1034 -9.55 -11.92 6.58
C PHE A 1034 -9.71 -11.90 5.07
N VAL A 1035 -10.93 -11.67 4.57
CA VAL A 1035 -11.11 -11.52 3.13
C VAL A 1035 -10.33 -10.33 2.62
N SER A 1036 -10.41 -9.20 3.33
CA SER A 1036 -9.57 -8.06 2.99
C SER A 1036 -8.10 -8.38 3.22
N LEU A 1037 -7.81 -9.30 4.15
CA LEU A 1037 -6.43 -9.76 4.34
C LEU A 1037 -5.99 -10.66 3.20
N LEU A 1038 -6.85 -11.60 2.81
CA LEU A 1038 -6.56 -12.44 1.65
C LEU A 1038 -6.47 -11.59 0.38
N HIS A 1039 -7.40 -10.65 0.22
CA HIS A 1039 -7.35 -9.76 -0.93
C HIS A 1039 -6.04 -8.98 -0.97
N GLY A 1040 -5.50 -8.63 0.19
CA GLY A 1040 -4.18 -8.04 0.23
C GLY A 1040 -3.10 -9.03 -0.16
N VAL A 1041 -3.26 -10.29 0.24
CA VAL A 1041 -2.26 -11.31 -0.10
C VAL A 1041 -2.21 -11.51 -1.60
N LEU A 1042 -3.37 -11.70 -2.23
CA LEU A 1042 -3.40 -11.91 -3.67
C LEU A 1042 -2.92 -10.69 -4.43
N THR A 1043 -3.38 -9.51 -4.03
CA THR A 1043 -2.96 -8.29 -4.71
C THR A 1043 -1.47 -8.09 -4.59
N SER A 1044 -0.90 -8.33 -3.40
CA SER A 1044 0.54 -8.25 -3.23
C SER A 1044 1.24 -9.30 -4.08
N MET A 1045 0.68 -10.52 -4.13
CA MET A 1045 1.24 -11.57 -4.98
C MET A 1045 1.21 -11.14 -6.44
N ILE A 1046 0.08 -10.61 -6.89
CA ILE A 1046 -0.01 -10.09 -8.25
C ILE A 1046 0.90 -8.88 -8.42
N LEU A 1047 0.87 -7.96 -7.45
CA LEU A 1047 1.70 -6.76 -7.55
C LEU A 1047 3.18 -7.09 -7.57
N PHE A 1048 3.56 -8.29 -7.12
CA PHE A 1048 4.96 -8.70 -7.09
C PHE A 1048 5.32 -9.64 -8.25
N PHE A 1049 4.52 -10.67 -8.48
CA PHE A 1049 4.93 -11.73 -9.40
C PHE A 1049 4.78 -11.33 -10.86
N ILE A 1050 3.75 -10.54 -11.20
CA ILE A 1050 3.66 -10.04 -12.57
C ILE A 1050 4.86 -9.16 -12.93
N PRO A 1051 5.26 -8.19 -12.11
CA PRO A 1051 6.56 -7.55 -12.36
C PRO A 1051 7.72 -8.52 -12.32
N LEU A 1052 7.67 -9.54 -11.47
CA LEU A 1052 8.75 -10.52 -11.40
C LEU A 1052 8.91 -11.24 -12.74
N GLY A 1053 7.82 -11.76 -13.29
CA GLY A 1053 7.90 -12.45 -14.57
C GLY A 1053 8.44 -11.54 -15.66
N ALA A 1054 7.95 -10.30 -15.71
CA ALA A 1054 8.48 -9.34 -16.68
C ALA A 1054 9.95 -9.05 -16.43
N TYR A 1055 10.33 -8.92 -15.16
CA TYR A 1055 11.72 -8.61 -14.83
C TYR A 1055 12.64 -9.80 -14.98
N LEU A 1056 12.11 -11.02 -14.84
CA LEU A 1056 12.92 -12.20 -15.13
C LEU A 1056 13.34 -12.22 -16.60
N GLN A 1057 12.42 -11.89 -17.49
CA GLN A 1057 12.72 -11.80 -18.91
C GLN A 1057 13.20 -10.39 -19.23
N THR A 1058 13.30 -10.07 -20.52
CA THR A 1058 13.75 -8.75 -20.93
C THR A 1058 12.65 -7.73 -20.73
N VAL A 1059 12.99 -6.58 -20.13
CA VAL A 1059 12.03 -5.50 -19.88
C VAL A 1059 12.70 -4.20 -20.31
N GLY A 1060 12.46 -3.78 -21.54
CA GLY A 1060 13.04 -2.55 -22.04
C GLY A 1060 14.55 -2.54 -21.95
N GLN A 1061 15.19 -3.65 -22.28
CA GLN A 1061 16.63 -3.81 -22.06
C GLN A 1061 17.38 -3.15 -23.22
N ASP A 1062 18.06 -2.05 -22.92
CA ASP A 1062 18.96 -1.38 -23.85
C ASP A 1062 19.92 -0.55 -23.00
N GLY A 1063 20.59 0.42 -23.63
CA GLY A 1063 21.39 1.35 -22.87
C GLY A 1063 20.68 1.89 -21.63
N GLU A 1064 19.35 1.97 -21.69
CA GLU A 1064 18.53 2.44 -20.57
C GLU A 1064 17.59 1.30 -20.19
N ALA A 1065 18.07 0.40 -19.32
CA ALA A 1065 17.37 -0.84 -19.02
C ALA A 1065 16.80 -0.83 -17.61
N PRO A 1066 15.47 -0.82 -17.42
CA PRO A 1066 14.92 -0.98 -16.06
C PRO A 1066 14.78 -2.44 -15.65
N SER A 1067 15.92 -3.11 -15.45
CA SER A 1067 15.95 -4.50 -15.02
C SER A 1067 16.51 -4.64 -13.61
N ASP A 1068 16.45 -3.58 -12.82
CA ASP A 1068 17.10 -3.50 -11.53
C ASP A 1068 16.09 -3.66 -10.40
N TYR A 1069 16.58 -3.55 -9.16
CA TYR A 1069 15.70 -3.60 -8.01
C TYR A 1069 14.89 -2.32 -7.86
N GLN A 1070 15.53 -1.17 -8.07
CA GLN A 1070 14.83 0.09 -7.86
C GLN A 1070 13.69 0.27 -8.84
N SER A 1071 13.92 -0.04 -10.11
CA SER A 1071 12.82 -0.04 -11.08
C SER A 1071 11.79 -1.09 -10.72
N PHE A 1072 12.25 -2.26 -10.29
CA PHE A 1072 11.34 -3.27 -9.77
C PHE A 1072 10.51 -2.72 -8.62
N ALA A 1073 11.14 -1.94 -7.74
CA ALA A 1073 10.42 -1.35 -6.62
C ALA A 1073 9.45 -0.27 -7.09
N VAL A 1074 9.89 0.60 -8.01
CA VAL A 1074 9.01 1.65 -8.51
C VAL A 1074 7.83 1.05 -9.25
N THR A 1075 8.08 0.02 -10.07
CA THR A 1075 7.00 -0.60 -10.81
C THR A 1075 5.95 -1.20 -9.87
N ILE A 1076 6.40 -1.89 -8.82
CA ILE A 1076 5.44 -2.47 -7.87
C ILE A 1076 4.70 -1.36 -7.15
N ALA A 1077 5.40 -0.32 -6.72
CA ALA A 1077 4.74 0.80 -6.06
C ALA A 1077 3.74 1.49 -6.98
N SER A 1078 4.16 1.74 -8.23
CA SER A 1078 3.28 2.42 -9.17
C SER A 1078 2.01 1.62 -9.43
N ALA A 1079 2.15 0.31 -9.64
CA ALA A 1079 0.98 -0.53 -9.81
C ALA A 1079 0.15 -0.58 -8.53
N LEU A 1080 0.82 -0.57 -7.38
CA LEU A 1080 0.11 -0.57 -6.10
C LEU A 1080 -0.73 0.69 -5.94
N VAL A 1081 -0.12 1.85 -6.17
CA VAL A 1081 -0.83 3.11 -5.95
C VAL A 1081 -2.01 3.23 -6.90
N ILE A 1082 -1.83 2.90 -8.17
CA ILE A 1082 -2.95 2.96 -9.12
C ILE A 1082 -4.00 1.93 -8.74
N THR A 1083 -3.57 0.73 -8.34
CA THR A 1083 -4.53 -0.32 -8.01
C THR A 1083 -5.40 0.08 -6.82
N VAL A 1084 -4.78 0.54 -5.74
CA VAL A 1084 -5.54 0.88 -4.55
C VAL A 1084 -6.40 2.12 -4.79
N ASN A 1085 -5.89 3.08 -5.55
CA ASN A 1085 -6.66 4.28 -5.85
C ASN A 1085 -7.76 3.99 -6.88
N PHE A 1086 -7.55 3.02 -7.76
CA PHE A 1086 -8.65 2.53 -8.57
C PHE A 1086 -9.58 1.63 -7.77
N GLN A 1087 -9.03 0.90 -6.79
CA GLN A 1087 -9.87 0.06 -5.95
C GLN A 1087 -10.84 0.89 -5.14
N ILE A 1088 -10.38 1.99 -4.55
CA ILE A 1088 -11.27 2.88 -3.84
C ILE A 1088 -12.26 3.53 -4.80
N GLY A 1089 -11.80 3.84 -6.01
CA GLY A 1089 -12.72 4.34 -7.03
C GLY A 1089 -13.81 3.35 -7.36
N LEU A 1090 -13.47 2.06 -7.37
CA LEU A 1090 -14.50 1.04 -7.54
C LEU A 1090 -15.42 0.95 -6.33
N ASP A 1091 -14.92 1.31 -5.15
CA ASP A 1091 -15.71 1.22 -3.94
C ASP A 1091 -16.75 2.33 -3.83
N THR A 1092 -16.39 3.54 -4.25
CA THR A 1092 -17.29 4.68 -4.06
C THR A 1092 -18.50 4.55 -4.97
N SER A 1093 -19.67 4.89 -4.42
CA SER A 1093 -20.91 4.94 -5.17
C SER A 1093 -21.36 6.35 -5.50
N TYR A 1094 -20.95 7.35 -4.72
CA TYR A 1094 -21.32 8.74 -4.91
C TYR A 1094 -20.08 9.47 -5.42
N TRP A 1095 -19.94 9.53 -6.75
CA TRP A 1095 -18.76 10.13 -7.37
C TRP A 1095 -18.95 11.64 -7.44
N THR A 1096 -18.75 12.28 -6.30
CA THR A 1096 -18.69 13.74 -6.27
C THR A 1096 -17.43 14.22 -6.97
N PHE A 1097 -17.47 15.45 -7.47
CA PHE A 1097 -16.31 16.00 -8.14
C PHE A 1097 -15.10 16.02 -7.22
N VAL A 1098 -15.31 16.08 -5.90
CA VAL A 1098 -14.19 16.03 -4.97
C VAL A 1098 -13.73 14.59 -4.75
N ASN A 1099 -14.65 13.62 -4.82
CA ASN A 1099 -14.24 12.22 -4.75
C ASN A 1099 -13.36 11.85 -5.93
N ALA A 1100 -13.75 12.27 -7.14
CA ALA A 1100 -12.91 12.04 -8.31
C ALA A 1100 -11.58 12.77 -8.18
N PHE A 1101 -11.61 13.99 -7.65
CA PHE A 1101 -10.39 14.75 -7.48
C PHE A 1101 -9.42 14.04 -6.54
N SER A 1102 -9.93 13.50 -5.44
CA SER A 1102 -9.07 12.82 -4.47
C SER A 1102 -8.43 11.57 -5.07
N ILE A 1103 -9.23 10.78 -5.80
CA ILE A 1103 -8.70 9.53 -6.36
C ILE A 1103 -7.61 9.82 -7.38
N PHE A 1104 -7.90 10.72 -8.33
CA PHE A 1104 -6.88 11.09 -9.30
C PHE A 1104 -5.83 12.00 -8.69
N GLY A 1105 -6.20 12.80 -7.69
CA GLY A 1105 -5.21 13.59 -6.98
C GLY A 1105 -4.20 12.73 -6.26
N SER A 1106 -4.66 11.65 -5.62
CA SER A 1106 -3.73 10.75 -4.94
C SER A 1106 -2.75 10.12 -5.93
N ILE A 1107 -3.25 9.65 -7.08
CA ILE A 1107 -2.37 9.08 -8.09
C ILE A 1107 -1.48 10.17 -8.67
N ALA A 1108 -2.06 11.32 -9.01
CA ALA A 1108 -1.26 12.43 -9.52
C ALA A 1108 -0.28 12.91 -8.47
N LEU A 1109 -0.72 13.00 -7.21
CA LEU A 1109 0.18 13.41 -6.14
C LEU A 1109 1.32 12.43 -5.96
N TYR A 1110 1.02 11.13 -6.04
CA TYR A 1110 2.08 10.12 -6.01
C TYR A 1110 3.06 10.33 -7.16
N PHE A 1111 2.53 10.41 -8.39
CA PHE A 1111 3.41 10.53 -9.54
C PHE A 1111 4.15 11.85 -9.54
N GLY A 1112 3.52 12.90 -9.02
CA GLY A 1112 4.22 14.17 -8.86
C GLY A 1112 5.35 14.08 -7.85
N ILE A 1113 5.12 13.36 -6.75
CA ILE A 1113 6.11 13.32 -5.68
C ILE A 1113 7.33 12.50 -6.07
N MET A 1114 7.16 11.38 -6.77
CA MET A 1114 8.32 10.59 -7.17
C MET A 1114 9.30 11.42 -7.97
N PHE A 1115 8.81 12.22 -8.90
CA PHE A 1115 9.69 13.01 -9.73
C PHE A 1115 10.51 13.97 -8.88
N ASP A 1116 9.88 14.65 -7.92
CA ASP A 1116 10.63 15.48 -6.99
C ASP A 1116 11.57 14.64 -6.15
N PHE A 1117 11.10 13.49 -5.65
CA PHE A 1117 11.95 12.61 -4.87
C PHE A 1117 13.04 11.97 -5.72
N HIS A 1118 12.74 11.69 -7.00
CA HIS A 1118 13.68 11.04 -7.88
C HIS A 1118 14.43 12.01 -8.79
N SER A 1119 14.22 13.31 -8.63
CA SER A 1119 14.95 14.28 -9.42
C SER A 1119 16.37 14.45 -8.88
N ALA A 1120 17.25 14.95 -9.75
CA ALA A 1120 18.63 15.22 -9.34
C ALA A 1120 18.72 16.34 -8.31
N GLY A 1121 17.71 17.21 -8.26
CA GLY A 1121 17.76 18.32 -7.32
C GLY A 1121 17.77 17.87 -5.88
N ILE A 1122 16.91 16.90 -5.54
CA ILE A 1122 16.83 16.43 -4.15
C ILE A 1122 17.97 15.49 -3.82
N HIS A 1123 18.62 14.90 -4.82
CA HIS A 1123 19.70 13.95 -4.55
C HIS A 1123 20.88 14.64 -3.87
N VAL A 1124 21.23 15.84 -4.32
CA VAL A 1124 22.38 16.53 -3.76
C VAL A 1124 22.13 16.88 -2.30
N LEU A 1125 20.89 17.24 -1.96
CA LEU A 1125 20.57 17.60 -0.58
C LEU A 1125 20.83 16.44 0.37
N PHE A 1126 20.28 15.26 0.04
CA PHE A 1126 20.33 14.09 0.91
C PHE A 1126 20.59 12.86 0.05
N PRO A 1127 21.86 12.52 -0.18
CA PRO A 1127 22.14 11.42 -1.11
C PRO A 1127 21.81 10.04 -0.55
N SER A 1128 21.92 9.85 0.76
CA SER A 1128 21.64 8.54 1.35
C SER A 1128 20.14 8.37 1.62
N ALA A 1129 19.48 9.41 2.11
CA ALA A 1129 18.07 9.29 2.46
C ALA A 1129 17.20 9.04 1.23
N PHE A 1130 17.45 9.77 0.15
CA PHE A 1130 16.64 9.70 -1.07
C PHE A 1130 17.51 9.14 -2.19
N GLN A 1131 17.54 7.82 -2.30
CA GLN A 1131 18.34 7.14 -3.32
C GLN A 1131 17.41 6.31 -4.21
N PHE A 1132 16.74 6.98 -5.15
CA PHE A 1132 16.16 6.45 -6.39
C PHE A 1132 16.25 7.49 -7.50
N THR A 1133 17.28 8.34 -7.47
CA THR A 1133 17.38 9.42 -8.44
C THR A 1133 17.35 8.86 -9.86
N GLY A 1134 16.42 9.38 -10.66
CA GLY A 1134 16.26 8.98 -12.04
C GLY A 1134 15.48 7.70 -12.25
N THR A 1135 15.05 7.03 -11.19
CA THR A 1135 14.36 5.75 -11.36
C THR A 1135 13.00 5.95 -12.03
N ALA A 1136 12.22 6.91 -11.55
CA ALA A 1136 10.90 7.15 -12.13
C ALA A 1136 11.01 7.65 -13.56
N SER A 1137 11.91 8.60 -13.80
CA SER A 1137 12.06 9.13 -15.16
C SER A 1137 12.55 8.08 -16.13
N ASN A 1138 13.23 7.05 -15.63
CA ASN A 1138 13.75 5.97 -16.47
C ASN A 1138 12.83 4.77 -16.54
N ALA A 1139 12.12 4.46 -15.46
CA ALA A 1139 11.25 3.29 -15.43
C ALA A 1139 9.89 3.54 -16.05
N LEU A 1140 9.39 4.78 -16.02
CA LEU A 1140 8.04 5.09 -16.45
C LEU A 1140 7.97 5.66 -17.86
N ARG A 1141 9.10 5.81 -18.55
CA ARG A 1141 9.11 6.17 -19.96
C ARG A 1141 9.21 4.96 -20.87
N GLN A 1142 9.26 3.76 -20.31
CA GLN A 1142 9.42 2.54 -21.09
C GLN A 1142 8.06 1.87 -21.28
N PRO A 1143 7.61 1.63 -22.53
CA PRO A 1143 6.29 1.01 -22.70
C PRO A 1143 6.16 -0.35 -22.03
N TYR A 1144 7.25 -1.12 -21.94
CA TYR A 1144 7.17 -2.43 -21.30
C TYR A 1144 6.83 -2.29 -19.82
N ILE A 1145 7.44 -1.32 -19.14
CA ILE A 1145 7.11 -1.07 -17.74
C ILE A 1145 5.65 -0.66 -17.62
N TRP A 1146 5.19 0.25 -18.49
CA TRP A 1146 3.80 0.68 -18.43
C TRP A 1146 2.86 -0.45 -18.84
N LEU A 1147 3.27 -1.26 -19.81
CA LEU A 1147 2.51 -2.47 -20.11
C LEU A 1147 2.49 -3.40 -18.91
N THR A 1148 3.60 -3.50 -18.19
CA THR A 1148 3.62 -4.27 -16.95
C THR A 1148 2.67 -3.68 -15.92
N ILE A 1149 2.74 -2.35 -15.72
CA ILE A 1149 1.87 -1.70 -14.76
C ILE A 1149 0.41 -1.84 -15.19
N ILE A 1150 0.13 -1.61 -16.47
CA ILE A 1150 -1.23 -1.77 -16.96
C ILE A 1150 -1.69 -3.21 -16.80
N LEU A 1151 -0.83 -4.16 -17.14
CA LEU A 1151 -1.16 -5.57 -16.97
C LEU A 1151 -1.32 -5.91 -15.50
N THR A 1152 -0.41 -5.41 -14.66
CA THR A 1152 -0.50 -5.66 -13.22
C THR A 1152 -1.77 -5.03 -12.65
N VAL A 1153 -2.01 -3.76 -13.00
CA VAL A 1153 -3.21 -3.08 -12.51
C VAL A 1153 -4.46 -3.78 -13.01
N ALA A 1154 -4.46 -4.20 -14.28
CA ALA A 1154 -5.63 -4.84 -14.84
C ALA A 1154 -5.88 -6.20 -14.20
N VAL A 1155 -4.84 -7.04 -14.11
CA VAL A 1155 -5.04 -8.39 -13.61
C VAL A 1155 -5.36 -8.41 -12.13
N CYS A 1156 -5.11 -7.32 -11.40
CA CYS A 1156 -5.51 -7.22 -10.00
C CYS A 1156 -6.78 -6.42 -9.79
N LEU A 1157 -7.38 -5.88 -10.85
CA LEU A 1157 -8.63 -5.14 -10.75
C LEU A 1157 -9.79 -5.82 -11.47
N LEU A 1158 -9.57 -6.32 -12.69
CA LEU A 1158 -10.64 -7.03 -13.37
C LEU A 1158 -11.18 -8.21 -12.58
N PRO A 1159 -10.38 -9.04 -11.92
CA PRO A 1159 -10.98 -10.06 -11.04
C PRO A 1159 -11.85 -9.46 -9.96
N VAL A 1160 -11.47 -8.28 -9.44
CA VAL A 1160 -12.33 -7.59 -8.49
C VAL A 1160 -13.61 -7.12 -9.18
N VAL A 1161 -13.48 -6.55 -10.37
CA VAL A 1161 -14.66 -6.10 -11.12
C VAL A 1161 -15.56 -7.29 -11.44
N ALA A 1162 -14.96 -8.40 -11.88
CA ALA A 1162 -15.75 -9.59 -12.19
C ALA A 1162 -16.40 -10.16 -10.95
N ILE A 1163 -15.65 -10.28 -9.86
CA ILE A 1163 -16.21 -10.80 -8.62
C ILE A 1163 -17.29 -9.87 -8.09
N ARG A 1164 -17.04 -8.55 -8.13
CA ARG A 1164 -18.05 -7.60 -7.69
C ARG A 1164 -19.31 -7.70 -8.54
N PHE A 1165 -19.14 -7.80 -9.86
CA PHE A 1165 -20.30 -7.91 -10.74
C PHE A 1165 -21.06 -9.22 -10.49
N LEU A 1166 -20.34 -10.32 -10.31
CA LEU A 1166 -21.00 -11.60 -10.04
C LEU A 1166 -21.73 -11.57 -8.70
N SER A 1167 -21.10 -11.00 -7.67
CA SER A 1167 -21.71 -11.01 -6.35
C SER A 1167 -23.05 -10.30 -6.35
N MET A 1168 -23.12 -9.14 -7.00
CA MET A 1168 -24.38 -8.41 -7.07
C MET A 1168 -25.36 -9.05 -8.04
N THR A 1169 -24.86 -9.72 -9.09
CA THR A 1169 -25.76 -10.39 -10.03
C THR A 1169 -26.29 -11.69 -9.45
N ILE A 1170 -25.44 -12.44 -8.74
CA ILE A 1170 -25.88 -13.72 -8.18
C ILE A 1170 -26.61 -13.50 -6.86
N TRP A 1171 -26.07 -12.65 -6.00
CA TRP A 1171 -26.66 -12.34 -4.69
C TRP A 1171 -26.80 -10.83 -4.58
N PRO A 1172 -27.74 -10.24 -5.30
CA PRO A 1172 -27.90 -8.78 -5.24
C PRO A 1172 -28.20 -8.31 -3.82
N SER A 1173 -27.57 -7.21 -3.44
CA SER A 1173 -27.82 -6.61 -2.14
C SER A 1173 -29.08 -5.74 -2.19
N GLU A 1174 -29.58 -5.39 -1.01
CA GLU A 1174 -30.76 -4.52 -0.94
C GLU A 1174 -30.47 -3.18 -1.60
N SER A 1175 -29.29 -2.62 -1.35
CA SER A 1175 -28.94 -1.34 -1.95
C SER A 1175 -28.89 -1.45 -3.48
N ASP A 1176 -28.25 -2.51 -3.99
CA ASP A 1176 -28.12 -2.65 -5.44
C ASP A 1176 -29.48 -2.84 -6.10
N LYS A 1177 -30.38 -3.59 -5.46
CA LYS A 1177 -31.69 -3.84 -6.06
C LYS A 1177 -32.45 -2.54 -6.27
N ILE A 1178 -32.43 -1.64 -5.29
CA ILE A 1178 -33.15 -0.37 -5.43
C ILE A 1178 -32.31 0.64 -6.20
N GLN A 1179 -30.99 0.57 -6.11
CA GLN A 1179 -30.14 1.47 -6.90
C GLN A 1179 -30.30 1.20 -8.39
N LYS A 1180 -30.53 -0.04 -8.78
CA LYS A 1180 -30.79 -0.35 -10.17
C LYS A 1180 -32.07 0.34 -10.65
N HIS A 1181 -33.11 0.31 -9.83
CA HIS A 1181 -34.38 0.95 -10.16
C HIS A 1181 -34.30 2.41 -9.71
N ARG A 1182 -33.99 3.31 -10.65
CA ARG A 1182 -33.81 4.71 -10.29
C ARG A 1182 -35.10 5.29 -9.72
N LYS A 1183 -36.24 4.98 -10.32
CA LYS A 1183 -37.53 5.48 -9.84
C LYS A 1183 -37.82 4.96 -8.44
N LYS B 28 -31.53 27.94 20.41
CA LYS B 28 -30.12 27.60 20.59
C LYS B 28 -29.25 28.45 19.67
N THR B 29 -29.15 28.05 18.41
CA THR B 29 -28.39 28.77 17.41
C THR B 29 -29.24 28.91 16.15
N ARG B 30 -28.83 29.83 15.28
CA ARG B 30 -29.60 30.14 14.09
C ARG B 30 -29.67 28.91 13.18
N ARG B 31 -30.43 29.05 12.09
CA ARG B 31 -30.63 27.93 11.19
C ARG B 31 -29.32 27.52 10.53
N PRO B 32 -29.14 26.22 10.24
CA PRO B 32 -27.90 25.79 9.60
C PRO B 32 -27.70 26.45 8.24
N ASP B 33 -26.45 26.67 7.89
CA ASP B 33 -26.12 27.23 6.59
C ASP B 33 -26.60 26.28 5.49
N ASN B 34 -27.21 26.86 4.45
CA ASN B 34 -27.79 26.09 3.36
C ASN B 34 -26.78 26.04 2.21
N THR B 35 -26.08 24.92 2.09
CA THR B 35 -25.12 24.71 1.02
C THR B 35 -25.18 23.25 0.59
N ALA B 36 -24.71 22.99 -0.62
CA ALA B 36 -24.77 21.63 -1.16
C ALA B 36 -23.97 20.66 -0.31
N PHE B 37 -22.76 21.06 0.12
CA PHE B 37 -21.91 20.16 0.88
C PHE B 37 -22.49 19.90 2.27
N LYS B 38 -22.89 20.96 2.98
CA LYS B 38 -23.39 20.80 4.33
C LYS B 38 -24.64 19.93 4.38
N GLN B 39 -25.48 20.02 3.35
CA GLN B 39 -26.74 19.27 3.30
C GLN B 39 -26.59 17.92 2.63
N GLN B 40 -25.39 17.54 2.22
CA GLN B 40 -25.15 16.25 1.58
C GLN B 40 -26.00 16.12 0.31
N ARG B 41 -25.97 17.17 -0.50
CA ARG B 41 -26.74 17.24 -1.74
C ARG B 41 -25.85 17.66 -2.91
N LEU B 42 -24.56 17.38 -2.82
CA LEU B 42 -23.65 17.78 -3.87
C LEU B 42 -24.00 17.09 -5.18
N PRO B 43 -23.80 17.74 -6.33
CA PRO B 43 -24.03 17.06 -7.61
C PRO B 43 -22.99 15.99 -7.83
N ALA B 44 -23.45 14.78 -8.09
CA ALA B 44 -22.56 13.63 -8.20
C ALA B 44 -23.12 12.63 -9.20
N TRP B 45 -22.23 11.76 -9.67
CA TRP B 45 -22.56 10.70 -10.61
C TRP B 45 -22.62 9.38 -9.83
N GLN B 46 -23.70 8.63 -10.01
CA GLN B 46 -23.82 7.34 -9.35
C GLN B 46 -23.60 6.23 -10.37
N PRO B 47 -22.35 5.80 -10.60
CA PRO B 47 -22.11 4.69 -11.52
C PRO B 47 -22.58 3.38 -10.90
N ILE B 48 -23.45 2.67 -11.62
CA ILE B 48 -23.94 1.36 -11.22
C ILE B 48 -23.44 0.34 -12.23
N LEU B 49 -22.85 -0.74 -11.74
CA LEU B 49 -22.25 -1.74 -12.62
C LEU B 49 -23.34 -2.57 -13.29
N THR B 50 -24.07 -1.95 -14.21
CA THR B 50 -25.07 -2.68 -14.97
C THR B 50 -24.39 -3.63 -15.96
N ALA B 51 -25.19 -4.54 -16.52
CA ALA B 51 -24.65 -5.50 -17.47
C ALA B 51 -24.17 -4.87 -18.76
N GLY B 52 -24.51 -3.59 -18.99
CA GLY B 52 -24.10 -2.89 -20.18
C GLY B 52 -22.92 -1.95 -20.02
N THR B 53 -22.40 -1.78 -18.81
CA THR B 53 -21.30 -0.87 -18.56
C THR B 53 -20.00 -1.57 -18.19
N VAL B 54 -20.08 -2.71 -17.51
CA VAL B 54 -18.88 -3.47 -17.17
C VAL B 54 -18.56 -4.55 -18.19
N LEU B 55 -19.57 -5.08 -18.90
CA LEU B 55 -19.29 -6.04 -19.95
C LEU B 55 -18.45 -5.45 -21.07
N PRO B 56 -18.80 -4.27 -21.62
CA PRO B 56 -17.98 -3.74 -22.73
C PRO B 56 -16.52 -3.57 -22.39
N ILE B 57 -16.18 -3.12 -21.19
CA ILE B 57 -14.78 -2.92 -20.85
C ILE B 57 -14.05 -4.25 -20.82
N PHE B 58 -14.75 -5.34 -20.55
CA PHE B 58 -14.11 -6.66 -20.57
C PHE B 58 -13.72 -7.05 -21.99
N PHE B 59 -14.64 -6.92 -22.94
CA PHE B 59 -14.31 -7.22 -24.34
C PHE B 59 -13.33 -6.20 -24.90
N ILE B 60 -13.52 -4.91 -24.57
CA ILE B 60 -12.55 -3.91 -25.01
C ILE B 60 -11.17 -4.21 -24.46
N ILE B 61 -11.11 -4.64 -23.19
CA ILE B 61 -9.83 -5.07 -22.63
C ILE B 61 -9.32 -6.31 -23.38
N GLY B 62 -10.20 -7.29 -23.59
CA GLY B 62 -9.81 -8.46 -24.34
C GLY B 62 -9.48 -8.16 -25.78
N LEU B 63 -10.20 -7.21 -26.39
CA LEU B 63 -9.96 -6.87 -27.78
C LEU B 63 -8.70 -6.03 -27.94
N ILE B 64 -8.31 -5.27 -26.91
CA ILE B 64 -7.09 -4.48 -26.98
C ILE B 64 -5.88 -5.26 -26.49
N PHE B 65 -6.07 -6.17 -25.53
CA PHE B 65 -4.93 -6.88 -24.95
C PHE B 65 -4.39 -7.93 -25.91
N ILE B 66 -5.27 -8.67 -26.58
CA ILE B 66 -4.82 -9.71 -27.49
C ILE B 66 -3.92 -9.15 -28.59
N PRO B 67 -4.31 -8.12 -29.33
CA PRO B 67 -3.37 -7.55 -30.30
C PRO B 67 -2.08 -7.05 -29.67
N ILE B 68 -2.16 -6.48 -28.46
CA ILE B 68 -0.94 -6.10 -27.75
C ILE B 68 -0.13 -7.34 -27.42
N GLY B 69 -0.78 -8.40 -26.94
CA GLY B 69 -0.08 -9.64 -26.68
C GLY B 69 0.50 -10.26 -27.93
N ILE B 70 -0.26 -10.25 -29.03
CA ILE B 70 0.25 -10.77 -30.29
C ILE B 70 1.43 -9.95 -30.75
N GLY B 71 1.33 -8.62 -30.66
CA GLY B 71 2.43 -7.78 -31.10
C GLY B 71 3.70 -8.00 -30.31
N ILE B 72 3.57 -8.11 -28.98
CA ILE B 72 4.74 -8.36 -28.14
C ILE B 72 5.31 -9.75 -28.43
N PHE B 73 4.44 -10.74 -28.54
CA PHE B 73 4.92 -12.12 -28.68
C PHE B 73 5.66 -12.33 -30.00
N VAL B 74 5.07 -11.90 -31.10
CA VAL B 74 5.72 -12.08 -32.40
C VAL B 74 6.95 -11.22 -32.50
N THR B 75 6.90 -9.99 -31.95
CA THR B 75 8.09 -9.15 -31.93
C THR B 75 9.18 -9.79 -31.08
N SER B 76 8.81 -10.35 -29.92
CA SER B 76 9.81 -11.00 -29.07
C SER B 76 10.43 -12.20 -29.76
N ASN B 77 9.61 -13.02 -30.42
CA ASN B 77 10.14 -14.19 -31.12
C ASN B 77 10.99 -13.77 -32.31
N ASN B 78 10.74 -12.59 -32.89
CA ASN B 78 11.57 -12.11 -33.98
C ASN B 78 12.94 -11.67 -33.50
N ILE B 79 13.13 -11.49 -32.20
CA ILE B 79 14.43 -11.18 -31.64
C ILE B 79 15.25 -12.46 -31.58
N ARG B 80 16.46 -12.41 -32.11
CA ARG B 80 17.36 -13.56 -32.14
C ARG B 80 18.33 -13.46 -30.97
N GLU B 81 18.30 -14.47 -30.10
CA GLU B 81 19.15 -14.51 -28.91
C GLU B 81 19.87 -15.84 -28.83
N ILE B 82 21.10 -15.80 -28.34
CA ILE B 82 21.87 -17.00 -28.05
C ILE B 82 22.57 -16.81 -26.72
N GLU B 83 22.51 -17.82 -25.86
CA GLU B 83 23.15 -17.80 -24.55
C GLU B 83 24.14 -18.95 -24.44
N ILE B 84 25.33 -18.65 -23.94
CA ILE B 84 26.38 -19.65 -23.73
C ILE B 84 26.69 -19.68 -22.24
N ASP B 85 26.35 -20.79 -21.59
CA ASP B 85 26.65 -20.99 -20.17
C ASP B 85 28.04 -21.61 -20.07
N TYR B 86 28.94 -20.92 -19.38
CA TYR B 86 30.37 -21.22 -19.46
C TYR B 86 31.01 -21.46 -18.09
N THR B 87 30.21 -21.54 -17.02
CA THR B 87 30.82 -21.76 -15.71
C THR B 87 31.56 -23.08 -15.65
N GLY B 88 31.03 -24.13 -16.28
CA GLY B 88 31.76 -25.37 -16.45
C GLY B 88 31.73 -26.31 -15.27
N THR B 89 30.69 -26.26 -14.44
CA THR B 89 30.60 -27.18 -13.31
C THR B 89 30.48 -28.63 -13.79
N GLU B 90 29.73 -28.87 -14.86
CA GLU B 90 29.52 -30.23 -15.32
C GLU B 90 30.79 -30.76 -16.00
N PRO B 91 30.97 -32.07 -16.03
CA PRO B 91 32.15 -32.64 -16.71
C PRO B 91 32.03 -32.48 -18.22
N SER B 92 33.20 -32.55 -18.87
CA SER B 92 33.40 -32.47 -20.31
C SER B 92 33.28 -31.05 -20.85
N SER B 93 32.92 -30.07 -20.04
CA SER B 93 33.01 -28.68 -20.48
C SER B 93 34.48 -28.30 -20.59
N PRO B 94 34.93 -27.76 -21.73
CA PRO B 94 36.37 -27.67 -21.94
C PRO B 94 37.02 -26.46 -21.29
N CYS B 95 36.57 -26.10 -20.07
CA CYS B 95 37.39 -25.30 -19.18
C CYS B 95 37.14 -25.65 -17.72
N ASN B 96 36.80 -26.90 -17.43
CA ASN B 96 36.45 -27.28 -16.07
C ASN B 96 37.61 -27.04 -15.11
N LYS B 97 38.83 -26.91 -15.63
CA LYS B 97 39.98 -26.62 -14.78
C LYS B 97 39.81 -25.30 -14.02
N CYS B 98 38.98 -24.39 -14.51
CA CYS B 98 38.81 -23.10 -13.85
C CYS B 98 38.09 -23.20 -12.52
N LEU B 99 37.46 -24.34 -12.22
CA LEU B 99 36.91 -24.55 -10.88
C LEU B 99 37.99 -24.80 -9.85
N SER B 100 39.17 -25.26 -10.28
CA SER B 100 40.32 -25.45 -9.40
C SER B 100 41.52 -24.77 -10.05
N PRO B 101 41.51 -23.45 -10.14
CA PRO B 101 42.57 -22.74 -10.86
C PRO B 101 43.87 -22.66 -10.08
N ASP B 102 44.70 -23.71 -10.16
CA ASP B 102 46.01 -23.66 -9.52
C ASP B 102 46.78 -22.41 -9.96
N VAL B 103 46.60 -21.99 -11.21
CA VAL B 103 47.12 -20.72 -11.71
C VAL B 103 45.95 -19.76 -11.80
N THR B 104 46.14 -18.53 -11.30
CA THR B 104 45.03 -17.58 -11.23
C THR B 104 44.39 -17.33 -12.59
N PRO B 105 45.14 -17.08 -13.68
CA PRO B 105 44.50 -16.81 -14.97
C PRO B 105 44.00 -18.09 -15.61
N CYS B 106 42.68 -18.22 -15.73
CA CYS B 106 42.05 -19.35 -16.38
C CYS B 106 41.20 -18.84 -17.54
N PHE B 107 41.20 -19.59 -18.63
CA PHE B 107 40.50 -19.19 -19.85
C PHE B 107 39.71 -20.38 -20.41
N CYS B 108 38.46 -20.13 -20.77
CA CYS B 108 37.67 -21.10 -21.52
C CYS B 108 37.73 -20.76 -23.00
N THR B 109 37.13 -21.65 -23.80
CA THR B 109 36.95 -21.38 -25.23
C THR B 109 35.76 -22.22 -25.68
N ILE B 110 34.60 -21.57 -25.81
CA ILE B 110 33.35 -22.24 -26.13
C ILE B 110 32.97 -21.84 -27.56
N ASN B 111 32.74 -22.85 -28.41
CA ASN B 111 32.32 -22.62 -29.78
C ASN B 111 30.81 -22.69 -29.88
N PHE B 112 30.21 -21.70 -30.53
CA PHE B 112 28.77 -21.70 -30.77
C PHE B 112 28.51 -21.21 -32.19
N THR B 113 27.38 -21.63 -32.74
CA THR B 113 27.01 -21.33 -34.12
C THR B 113 25.72 -20.53 -34.14
N LEU B 114 25.67 -19.54 -35.03
CA LEU B 114 24.48 -18.73 -35.24
C LEU B 114 23.77 -19.23 -36.49
N GLU B 115 22.55 -19.74 -36.32
CA GLU B 115 21.79 -20.23 -37.46
C GLU B 115 21.31 -19.07 -38.34
N LYS B 116 20.81 -18.00 -37.72
CA LYS B 116 20.28 -16.85 -38.44
C LYS B 116 21.06 -15.60 -38.03
N SER B 117 21.35 -14.75 -39.00
CA SER B 117 22.14 -13.56 -38.75
C SER B 117 21.38 -12.58 -37.85
N PHE B 118 22.15 -11.68 -37.23
CA PHE B 118 21.60 -10.67 -36.35
C PHE B 118 21.56 -9.33 -37.09
N GLU B 119 20.41 -8.67 -37.03
CA GLU B 119 20.19 -7.40 -37.71
C GLU B 119 20.02 -6.28 -36.70
N GLY B 120 20.69 -5.16 -36.98
CA GLY B 120 20.58 -3.99 -36.13
C GLY B 120 21.53 -4.04 -34.94
N ASN B 121 21.32 -3.11 -34.02
CA ASN B 121 22.14 -3.05 -32.81
C ASN B 121 22.00 -4.35 -32.02
N VAL B 122 23.14 -4.87 -31.58
CA VAL B 122 23.18 -6.12 -30.82
C VAL B 122 23.85 -5.85 -29.48
N PHE B 123 23.22 -6.31 -28.41
CA PHE B 123 23.70 -6.11 -27.05
C PHE B 123 24.20 -7.43 -26.48
N MET B 124 25.42 -7.44 -25.93
CA MET B 124 25.95 -8.60 -25.24
C MET B 124 25.91 -8.37 -23.73
N TYR B 125 25.53 -9.41 -23.00
CA TYR B 125 25.29 -9.35 -21.56
C TYR B 125 26.10 -10.43 -20.85
N TYR B 126 26.07 -10.38 -19.52
CA TYR B 126 26.51 -11.49 -18.70
C TYR B 126 25.42 -11.78 -17.67
N GLY B 127 25.14 -13.06 -17.48
CA GLY B 127 24.10 -13.50 -16.56
C GLY B 127 24.70 -14.23 -15.37
N LEU B 128 24.13 -14.00 -14.20
CA LEU B 128 24.50 -14.70 -12.98
C LEU B 128 23.24 -15.28 -12.37
N SER B 129 23.25 -16.59 -12.14
CA SER B 129 22.12 -17.29 -11.54
C SER B 129 22.50 -17.76 -10.14
N ASN B 130 21.49 -17.89 -9.29
CA ASN B 130 21.71 -18.25 -7.89
C ASN B 130 22.70 -17.30 -7.23
N PHE B 131 22.57 -16.02 -7.57
CA PHE B 131 23.43 -14.97 -7.04
C PHE B 131 22.52 -13.89 -6.45
N TYR B 132 22.25 -14.00 -5.15
CA TYR B 132 21.31 -13.10 -4.48
C TYR B 132 21.98 -11.75 -4.27
N GLN B 133 22.05 -10.98 -5.37
CA GLN B 133 22.48 -9.59 -5.31
C GLN B 133 21.50 -8.71 -4.56
N ASN B 134 20.29 -9.21 -4.29
CA ASN B 134 19.27 -8.46 -3.57
C ASN B 134 19.20 -8.86 -2.10
N HIS B 135 20.30 -9.34 -1.53
CA HIS B 135 20.31 -9.68 -0.11
C HIS B 135 20.38 -8.41 0.73
N ARG B 136 19.65 -8.40 1.84
CA ARG B 136 19.57 -7.19 2.66
C ARG B 136 20.94 -6.77 3.17
N ARG B 137 21.73 -7.72 3.70
CA ARG B 137 23.08 -7.38 4.11
C ARG B 137 23.90 -6.90 2.92
N TYR B 138 23.60 -7.40 1.73
CA TYR B 138 24.33 -7.03 0.52
C TYR B 138 23.90 -5.65 0.02
N VAL B 139 22.59 -5.40 -0.07
CA VAL B 139 22.12 -4.14 -0.66
C VAL B 139 22.52 -2.96 0.20
N LYS B 140 22.33 -3.06 1.52
CA LYS B 140 22.65 -1.93 2.38
C LYS B 140 24.13 -1.62 2.37
N SER B 141 24.97 -2.60 2.03
CA SER B 141 26.43 -2.46 2.10
C SER B 141 26.91 -1.59 0.94
N ARG B 142 26.74 -0.28 1.11
CA ARG B 142 27.17 0.71 0.13
C ARG B 142 27.05 2.08 0.76
N ASP B 143 28.01 2.96 0.45
CA ASP B 143 28.01 4.32 0.98
C ASP B 143 27.59 5.27 -0.14
N ASP B 144 26.33 5.72 -0.07
CA ASP B 144 25.76 6.52 -1.16
C ASP B 144 26.47 7.87 -1.29
N SER B 145 26.74 8.53 -0.17
CA SER B 145 27.43 9.81 -0.23
C SER B 145 28.81 9.65 -0.86
N GLN B 146 29.51 8.56 -0.51
CA GLN B 146 30.78 8.26 -1.14
C GLN B 146 30.62 8.01 -2.63
N LEU B 147 29.60 7.24 -3.02
CA LEU B 147 29.37 6.98 -4.43
C LEU B 147 29.06 8.27 -5.18
N ASN B 148 28.54 9.27 -4.48
CA ASN B 148 28.27 10.57 -5.08
C ASN B 148 29.50 11.48 -5.14
N GLY B 149 30.65 11.00 -4.69
CA GLY B 149 31.85 11.81 -4.70
C GLY B 149 31.88 12.81 -3.56
N ASP B 150 31.76 12.30 -2.33
CA ASP B 150 31.75 13.12 -1.14
C ASP B 150 33.11 13.03 -0.46
N SER B 151 33.75 14.19 -0.24
CA SER B 151 35.07 14.19 0.37
C SER B 151 35.03 13.62 1.77
N SER B 152 34.01 13.96 2.55
CA SER B 152 33.93 13.47 3.93
C SER B 152 33.68 11.96 3.96
N ALA B 153 32.72 11.48 3.18
CA ALA B 153 32.37 10.07 3.17
C ALA B 153 33.39 9.23 2.39
N LEU B 154 34.24 9.86 1.59
CA LEU B 154 35.29 9.11 0.90
C LEU B 154 36.25 8.48 1.89
N LEU B 155 36.77 9.27 2.82
CA LEU B 155 37.69 8.79 3.85
C LEU B 155 36.96 8.30 5.09
N ASN B 156 35.63 8.39 5.13
CA ASN B 156 34.83 7.96 6.28
C ASN B 156 33.67 7.10 5.77
N PRO B 157 33.94 5.84 5.43
CA PRO B 157 32.88 5.00 4.87
C PRO B 157 31.74 4.83 5.87
N SER B 158 30.53 4.72 5.31
CA SER B 158 29.36 4.48 6.16
C SER B 158 29.52 3.18 6.92
N LYS B 159 29.02 3.16 8.16
CA LYS B 159 29.07 1.93 8.94
C LYS B 159 28.22 0.84 8.33
N GLU B 160 27.35 1.17 7.38
CA GLU B 160 26.56 0.14 6.70
C GLU B 160 27.47 -0.83 5.94
N CYS B 161 28.51 -0.31 5.29
CA CYS B 161 29.49 -1.18 4.64
C CYS B 161 30.57 -1.58 5.64
N GLU B 162 30.15 -2.07 6.80
CA GLU B 162 31.09 -2.32 7.90
C GLU B 162 32.17 -3.32 7.53
N PRO B 163 31.87 -4.50 6.98
CA PRO B 163 32.94 -5.48 6.75
C PRO B 163 34.01 -5.00 5.80
N TYR B 164 33.71 -4.00 4.96
CA TYR B 164 34.64 -3.52 3.95
C TYR B 164 34.85 -2.02 4.05
N ARG B 165 34.74 -1.46 5.26
CA ARG B 165 35.08 -0.05 5.46
C ARG B 165 36.55 0.18 5.17
N ARG B 166 37.43 -0.60 5.81
CA ARG B 166 38.86 -0.51 5.60
C ARG B 166 39.45 -1.91 5.64
N ASN B 167 40.58 -2.07 4.95
CA ASN B 167 41.26 -3.36 4.91
C ASN B 167 42.35 -3.47 5.97
N GLU B 168 43.31 -2.55 5.94
CA GLU B 168 44.43 -2.57 6.88
C GLU B 168 44.51 -1.32 7.74
N ASP B 169 44.71 -0.16 7.14
CA ASP B 169 44.87 1.08 7.90
C ASP B 169 44.01 2.21 7.36
N LYS B 170 43.60 2.13 6.09
CA LYS B 170 42.83 3.20 5.49
C LYS B 170 41.55 2.67 4.84
N PRO B 171 40.52 3.50 4.72
CA PRO B 171 39.23 3.00 4.24
C PRO B 171 39.26 2.61 2.77
N ILE B 172 38.47 1.58 2.44
CA ILE B 172 38.32 1.14 1.07
C ILE B 172 37.41 2.11 0.35
N ALA B 173 37.92 2.75 -0.71
CA ALA B 173 37.14 3.77 -1.39
C ALA B 173 35.82 3.22 -1.95
N PRO B 174 35.78 2.09 -2.66
CA PRO B 174 34.46 1.55 -3.05
C PRO B 174 33.92 0.60 -2.00
N CYS B 175 33.61 1.12 -0.81
CA CYS B 175 33.24 0.23 0.27
C CYS B 175 31.96 -0.52 -0.07
N GLY B 176 31.59 -1.44 0.79
CA GLY B 176 30.38 -2.22 0.60
C GLY B 176 30.66 -3.57 -0.02
N ALA B 177 29.82 -4.54 0.33
CA ALA B 177 29.96 -5.87 -0.24
C ALA B 177 29.77 -5.85 -1.75
N ILE B 178 28.79 -5.07 -2.23
CA ILE B 178 28.46 -5.10 -3.65
C ILE B 178 29.66 -4.64 -4.49
N ALA B 179 30.24 -3.50 -4.13
CA ALA B 179 31.39 -3.01 -4.89
C ALA B 179 32.54 -4.00 -4.81
N ASN B 180 32.76 -4.59 -3.63
CA ASN B 180 33.83 -5.56 -3.46
C ASN B 180 33.63 -6.76 -4.40
N SER B 181 32.44 -7.36 -4.36
CA SER B 181 32.18 -8.58 -5.12
C SER B 181 31.62 -8.23 -6.49
N MET B 182 32.49 -7.61 -7.29
CA MET B 182 32.13 -7.19 -8.65
C MET B 182 32.49 -8.28 -9.65
N PHE B 183 31.53 -8.64 -10.49
CA PHE B 183 31.77 -9.55 -11.61
C PHE B 183 32.97 -9.08 -12.40
N ASN B 184 33.95 -9.99 -12.60
CA ASN B 184 35.23 -9.59 -13.17
C ASN B 184 35.73 -10.60 -14.19
N ASP B 185 34.83 -11.16 -14.99
CA ASP B 185 35.25 -11.93 -16.14
C ASP B 185 35.58 -11.00 -17.30
N THR B 186 35.94 -11.59 -18.44
CA THR B 186 36.21 -10.81 -19.65
C THR B 186 35.77 -11.67 -20.83
N LEU B 187 34.58 -11.41 -21.34
CA LEU B 187 33.98 -12.20 -22.40
C LEU B 187 34.36 -11.60 -23.75
N GLU B 188 35.10 -12.38 -24.55
CA GLU B 188 35.51 -11.98 -25.89
C GLU B 188 34.79 -12.83 -26.91
N LEU B 189 34.29 -12.19 -27.96
CA LEU B 189 33.58 -12.87 -29.04
C LEU B 189 34.43 -12.85 -30.29
N PHE B 190 34.59 -14.02 -30.91
CA PHE B 190 35.39 -14.17 -32.11
C PHE B 190 34.55 -14.81 -33.21
N LEU B 191 34.79 -14.37 -34.45
CA LEU B 191 34.14 -14.92 -35.63
C LEU B 191 35.10 -15.87 -36.32
N ILE B 192 34.67 -17.11 -36.52
CA ILE B 192 35.47 -18.13 -37.18
C ILE B 192 34.98 -18.20 -38.62
N GLY B 193 35.79 -17.68 -39.53
CA GLY B 193 35.44 -17.67 -40.95
C GLY B 193 35.84 -18.98 -41.62
N ASN B 194 35.69 -18.99 -42.95
CA ASN B 194 36.07 -20.16 -43.72
C ASN B 194 37.56 -20.44 -43.59
N ASP B 195 38.38 -19.39 -43.58
CA ASP B 195 39.82 -19.57 -43.40
C ASP B 195 40.18 -20.12 -42.03
N SER B 196 39.24 -20.10 -41.08
CA SER B 196 39.37 -20.60 -39.73
C SER B 196 40.17 -19.66 -38.83
N TYR B 197 40.72 -18.58 -39.34
CA TYR B 197 41.45 -17.65 -38.49
C TYR B 197 40.47 -16.77 -37.71
N PRO B 198 40.55 -16.71 -36.39
CA PRO B 198 39.57 -15.94 -35.62
C PRO B 198 39.63 -14.46 -35.97
N ILE B 199 38.46 -13.83 -35.99
CA ILE B 199 38.32 -12.41 -36.29
C ILE B 199 37.53 -11.76 -35.16
N PRO B 200 38.21 -11.11 -34.21
CA PRO B 200 37.48 -10.46 -33.12
C PRO B 200 36.48 -9.44 -33.66
N ILE B 201 35.31 -9.38 -33.02
CA ILE B 201 34.25 -8.46 -33.43
C ILE B 201 34.32 -7.22 -32.57
N ALA B 202 33.79 -6.12 -33.09
CA ALA B 202 33.79 -4.87 -32.35
C ALA B 202 32.94 -4.99 -31.09
N LEU B 203 33.40 -4.34 -30.03
CA LEU B 203 32.73 -4.45 -28.72
C LEU B 203 33.08 -3.19 -27.92
N LYS B 204 32.11 -2.31 -27.74
CA LYS B 204 32.29 -1.08 -26.99
C LYS B 204 31.50 -1.16 -25.68
N LYS B 205 32.19 -0.88 -24.58
CA LYS B 205 31.60 -0.93 -23.25
C LYS B 205 30.94 0.39 -22.85
N LYS B 206 31.13 1.44 -23.62
CA LYS B 206 30.60 2.75 -23.26
C LYS B 206 29.09 2.80 -23.46
N GLY B 207 28.43 3.62 -22.64
CA GLY B 207 26.99 3.83 -22.79
C GLY B 207 26.15 2.59 -22.54
N ILE B 208 26.45 1.86 -21.47
CA ILE B 208 25.70 0.64 -21.14
C ILE B 208 24.97 0.83 -19.81
N ALA B 209 24.96 2.06 -19.29
CA ALA B 209 24.32 2.34 -18.01
C ALA B 209 23.34 3.49 -18.20
N TRP B 210 22.51 3.70 -17.18
CA TRP B 210 21.53 4.77 -17.23
C TRP B 210 22.22 6.11 -17.40
N TRP B 211 21.58 7.01 -18.16
CA TRP B 211 22.12 8.35 -18.34
C TRP B 211 22.23 9.08 -17.01
N THR B 212 21.21 8.96 -16.16
CA THR B 212 21.24 9.64 -14.87
C THR B 212 22.38 9.11 -14.00
N ASP B 213 22.58 7.80 -13.98
CA ASP B 213 23.58 7.20 -13.10
C ASP B 213 24.97 7.72 -13.43
N LYS B 214 25.32 7.80 -14.71
CA LYS B 214 26.64 8.29 -15.09
C LYS B 214 26.82 9.75 -14.69
N ASN B 215 25.76 10.56 -14.84
CA ASN B 215 25.88 12.00 -14.69
C ASN B 215 25.34 12.53 -13.37
N VAL B 216 24.52 11.76 -12.64
CA VAL B 216 23.87 12.27 -11.44
C VAL B 216 24.22 11.42 -10.22
N LYS B 217 23.82 10.14 -10.25
CA LYS B 217 23.87 9.33 -9.04
C LYS B 217 25.30 8.96 -8.66
N PHE B 218 26.14 8.65 -9.64
CA PHE B 218 27.50 8.20 -9.40
C PHE B 218 28.48 9.28 -9.82
N ARG B 219 29.42 9.61 -8.93
CA ARG B 219 30.46 10.58 -9.25
C ARG B 219 31.74 10.22 -8.52
N ASN B 220 32.85 10.59 -9.14
CA ASN B 220 34.17 10.45 -8.54
C ASN B 220 34.40 11.57 -7.53
N PRO B 221 35.42 11.46 -6.69
CA PRO B 221 35.75 12.57 -5.80
C PRO B 221 36.04 13.83 -6.58
N PRO B 222 35.56 14.98 -6.13
CA PRO B 222 35.79 16.22 -6.89
C PRO B 222 37.25 16.67 -6.81
N GLY B 223 37.61 17.54 -7.74
CA GLY B 223 38.91 18.16 -7.74
C GLY B 223 39.93 17.39 -8.57
N GLY B 224 41.04 18.08 -8.87
CA GLY B 224 42.12 17.48 -9.61
C GLY B 224 41.76 17.10 -11.03
N ASP B 225 42.78 16.83 -11.85
CA ASP B 225 42.58 16.38 -13.22
C ASP B 225 42.92 14.92 -13.42
N ASN B 226 43.99 14.43 -12.80
CA ASN B 226 44.35 13.03 -12.88
C ASN B 226 43.66 12.25 -11.76
N LEU B 227 43.11 11.08 -12.11
CA LEU B 227 42.39 10.29 -11.12
C LEU B 227 43.33 9.68 -10.09
N GLU B 228 44.63 9.58 -10.39
CA GLU B 228 45.57 9.06 -9.41
C GLU B 228 45.66 9.96 -8.20
N GLU B 229 45.66 11.28 -8.42
CA GLU B 229 45.79 12.23 -7.31
C GLU B 229 44.47 12.49 -6.59
N ARG B 230 43.36 11.93 -7.07
CA ARG B 230 42.05 12.21 -6.49
C ARG B 230 41.61 11.17 -5.46
N PHE B 231 42.40 10.13 -5.22
CA PHE B 231 42.08 9.10 -4.24
C PHE B 231 43.25 8.98 -3.26
N LYS B 232 43.24 9.80 -2.22
CA LYS B 232 44.23 9.75 -1.16
C LYS B 232 43.73 8.88 -0.01
N GLY B 233 44.64 8.12 0.58
CA GLY B 233 44.33 7.36 1.78
C GLY B 233 43.16 6.40 1.61
N THR B 234 43.14 5.66 0.51
CA THR B 234 42.09 4.68 0.27
C THR B 234 42.68 3.50 -0.49
N THR B 235 42.45 2.30 0.01
CA THR B 235 42.91 1.08 -0.63
C THR B 235 41.79 0.47 -1.47
N LYS B 236 42.20 -0.43 -2.35
CA LYS B 236 41.25 -1.16 -3.18
C LYS B 236 40.44 -2.12 -2.32
N PRO B 237 39.26 -2.51 -2.78
CA PRO B 237 38.54 -3.58 -2.09
C PRO B 237 39.34 -4.87 -2.10
N VAL B 238 39.13 -5.68 -1.07
CA VAL B 238 39.91 -6.90 -0.91
C VAL B 238 39.74 -7.82 -2.12
N ASN B 239 38.50 -7.96 -2.61
CA ASN B 239 38.26 -8.88 -3.71
C ASN B 239 38.83 -8.34 -5.02
N TRP B 240 38.73 -7.03 -5.25
CA TRP B 240 39.26 -6.45 -6.48
C TRP B 240 40.75 -6.71 -6.57
N LEU B 241 41.20 -7.20 -7.74
CA LEU B 241 42.62 -7.44 -7.92
C LEU B 241 43.41 -6.14 -7.94
N LYS B 242 42.87 -5.11 -8.58
CA LYS B 242 43.54 -3.83 -8.69
C LYS B 242 42.57 -2.70 -8.35
N PRO B 243 43.07 -1.54 -7.93
CA PRO B 243 42.18 -0.49 -7.41
C PRO B 243 41.29 0.12 -8.47
N VAL B 244 40.52 1.14 -8.08
CA VAL B 244 39.49 1.72 -8.93
C VAL B 244 40.07 2.86 -9.77
N TYR B 245 41.40 2.91 -9.86
CA TYR B 245 42.04 3.94 -10.67
C TYR B 245 41.90 3.65 -12.15
N MET B 246 42.41 2.50 -12.60
CA MET B 246 42.57 2.20 -14.02
C MET B 246 41.56 1.16 -14.51
N LEU B 247 40.32 1.24 -14.04
CA LEU B 247 39.29 0.31 -14.53
C LEU B 247 39.16 0.39 -16.05
N ASP B 248 39.13 1.60 -16.60
CA ASP B 248 39.10 1.80 -18.04
C ASP B 248 40.10 2.89 -18.42
N SER B 249 40.83 2.66 -19.51
CA SER B 249 41.80 3.64 -19.97
C SER B 249 41.14 4.97 -20.30
N ASP B 250 39.88 4.94 -20.73
CA ASP B 250 39.15 6.15 -21.04
C ASP B 250 38.96 6.96 -19.76
N PRO B 251 39.41 8.22 -19.69
CA PRO B 251 39.21 8.99 -18.45
C PRO B 251 37.74 9.21 -18.11
N ASP B 252 36.86 9.11 -19.09
CA ASP B 252 35.42 9.30 -18.85
C ASP B 252 34.74 8.04 -18.34
N ASN B 253 35.42 6.90 -18.31
CA ASN B 253 34.82 5.64 -17.89
C ASN B 253 35.61 4.97 -16.77
N ASN B 254 36.56 5.65 -16.15
CA ASN B 254 37.30 5.12 -15.01
C ASN B 254 36.73 5.68 -13.72
N GLY B 255 37.07 5.01 -12.62
CA GLY B 255 36.63 5.45 -11.32
C GLY B 255 35.21 5.00 -11.00
N PHE B 256 34.60 5.74 -10.06
CA PHE B 256 33.26 5.41 -9.61
C PHE B 256 32.23 5.48 -10.72
N ILE B 257 32.53 6.17 -11.82
CA ILE B 257 31.60 6.29 -12.94
C ILE B 257 31.88 5.26 -14.02
N ASN B 258 32.63 4.20 -13.70
CA ASN B 258 32.87 3.14 -14.67
C ASN B 258 31.54 2.48 -15.05
N GLU B 259 31.33 2.29 -16.34
CA GLU B 259 30.05 1.79 -16.82
C GLU B 259 29.77 0.39 -16.29
N ASP B 260 30.76 -0.49 -16.34
CA ASP B 260 30.59 -1.84 -15.78
C ASP B 260 30.32 -1.76 -14.29
N PHE B 261 31.05 -0.90 -13.58
CA PHE B 261 30.86 -0.75 -12.15
C PHE B 261 29.46 -0.26 -11.83
N ILE B 262 29.01 0.80 -12.52
CA ILE B 262 27.67 1.32 -12.29
C ILE B 262 26.64 0.25 -12.62
N VAL B 263 26.81 -0.44 -13.74
CA VAL B 263 25.88 -1.50 -14.10
C VAL B 263 25.85 -2.57 -13.02
N TRP B 264 27.02 -2.89 -12.45
CA TRP B 264 27.07 -3.87 -11.38
C TRP B 264 26.43 -3.33 -10.11
N MET B 265 26.83 -2.12 -9.69
CA MET B 265 26.28 -1.55 -8.46
C MET B 265 24.78 -1.37 -8.54
N ARG B 266 24.24 -1.24 -9.74
CA ARG B 266 22.81 -1.07 -9.92
C ARG B 266 22.15 -2.40 -9.58
N THR B 267 21.72 -2.54 -8.33
CA THR B 267 21.37 -3.85 -7.78
C THR B 267 20.30 -4.54 -8.59
N ALA B 268 20.51 -5.82 -8.88
CA ALA B 268 19.52 -6.62 -9.57
C ALA B 268 18.34 -6.91 -8.65
N ALA B 269 17.17 -7.06 -9.25
CA ALA B 269 15.97 -7.33 -8.48
C ALA B 269 15.90 -8.76 -8.00
N LEU B 270 16.51 -9.69 -8.71
CA LEU B 270 16.35 -11.11 -8.48
C LEU B 270 17.70 -11.81 -8.49
N PRO B 271 17.77 -13.05 -7.97
CA PRO B 271 19.06 -13.75 -7.98
C PRO B 271 19.51 -14.15 -9.37
N THR B 272 18.61 -14.65 -10.20
CA THR B 272 18.91 -14.93 -11.60
C THR B 272 18.69 -13.64 -12.37
N PHE B 273 19.78 -12.99 -12.75
CA PHE B 273 19.72 -11.67 -13.38
C PHE B 273 20.75 -11.61 -14.49
N ARG B 274 20.57 -10.64 -15.37
CA ARG B 274 21.47 -10.40 -16.48
C ARG B 274 21.63 -8.90 -16.68
N LYS B 275 22.86 -8.49 -16.94
CA LYS B 275 23.24 -7.08 -16.92
C LYS B 275 23.93 -6.72 -18.23
N LEU B 276 23.69 -5.50 -18.69
CA LEU B 276 24.35 -5.05 -19.92
C LEU B 276 25.85 -5.05 -19.73
N TYR B 277 26.55 -5.68 -20.67
CA TYR B 277 27.99 -5.84 -20.60
C TYR B 277 28.71 -5.12 -21.74
N ARG B 278 28.22 -5.27 -22.97
CA ARG B 278 28.84 -4.65 -24.12
C ARG B 278 27.78 -4.34 -25.16
N LEU B 279 28.12 -3.44 -26.08
CA LEU B 279 27.29 -3.10 -27.22
C LEU B 279 27.97 -3.56 -28.50
N ILE B 280 27.16 -3.86 -29.51
CA ILE B 280 27.63 -4.12 -30.86
C ILE B 280 26.84 -3.22 -31.79
N GLU B 281 27.55 -2.37 -32.52
CA GLU B 281 26.92 -1.37 -33.37
C GLU B 281 26.80 -1.88 -34.80
N ARG B 282 25.93 -1.22 -35.58
CA ARG B 282 25.70 -1.60 -36.95
C ARG B 282 27.00 -1.52 -37.76
N LYS B 283 27.30 -2.59 -38.50
CA LYS B 283 28.52 -2.63 -39.28
C LYS B 283 28.42 -1.71 -40.49
N SER B 284 29.54 -1.07 -40.83
CA SER B 284 29.55 -0.14 -41.95
C SER B 284 29.03 -0.81 -43.23
N ASP B 285 29.41 -2.06 -43.46
CA ASP B 285 28.94 -2.78 -44.62
C ASP B 285 27.46 -3.12 -44.49
N LEU B 286 26.84 -3.41 -45.63
CA LEU B 286 25.43 -3.80 -45.64
C LEU B 286 25.18 -5.15 -44.98
N HIS B 287 26.22 -5.92 -44.71
CA HIS B 287 26.04 -7.23 -44.11
C HIS B 287 25.55 -7.11 -42.67
N PRO B 288 24.95 -8.16 -42.13
CA PRO B 288 24.44 -8.08 -40.75
C PRO B 288 25.57 -7.92 -39.74
N THR B 289 25.18 -7.45 -38.55
CA THR B 289 26.16 -7.22 -37.49
C THR B 289 26.86 -8.51 -37.10
N LEU B 290 26.11 -9.59 -36.95
CA LEU B 290 26.67 -10.92 -36.64
C LEU B 290 26.14 -11.90 -37.68
N PRO B 291 26.82 -12.06 -38.82
CA PRO B 291 26.35 -13.00 -39.82
C PRO B 291 26.36 -14.42 -39.30
N ALA B 292 25.43 -15.23 -39.79
CA ALA B 292 25.35 -16.62 -39.38
C ALA B 292 26.67 -17.33 -39.67
N GLY B 293 27.15 -18.08 -38.68
CA GLY B 293 28.43 -18.75 -38.83
C GLY B 293 28.89 -19.30 -37.49
N ARG B 294 30.17 -19.64 -37.44
CA ARG B 294 30.77 -20.22 -36.25
C ARG B 294 31.47 -19.13 -35.44
N TYR B 295 31.16 -19.06 -34.15
CA TYR B 295 31.74 -18.09 -33.23
C TYR B 295 32.30 -18.81 -32.02
N SER B 296 33.41 -18.30 -31.50
CA SER B 296 34.07 -18.87 -30.34
C SER B 296 34.11 -17.83 -29.23
N LEU B 297 33.69 -18.23 -28.03
CA LEU B 297 33.67 -17.35 -26.87
C LEU B 297 34.89 -17.65 -26.00
N ASN B 298 35.86 -16.74 -26.02
CA ASN B 298 37.07 -16.85 -25.20
C ASN B 298 36.88 -15.95 -23.98
N VAL B 299 36.73 -16.57 -22.81
CA VAL B 299 36.42 -15.87 -21.57
C VAL B 299 37.54 -16.10 -20.57
N THR B 300 37.99 -15.02 -19.94
CA THR B 300 38.96 -15.10 -18.86
C THR B 300 38.20 -15.39 -17.58
N TYR B 301 38.28 -16.62 -17.11
CA TYR B 301 37.51 -17.09 -15.95
C TYR B 301 38.15 -16.54 -14.68
N ASN B 302 37.54 -15.51 -14.11
CA ASN B 302 38.01 -14.90 -12.88
C ASN B 302 36.99 -14.91 -11.76
N TYR B 303 35.71 -15.17 -12.06
CA TYR B 303 34.66 -15.01 -11.07
C TYR B 303 34.21 -16.38 -10.59
N PRO B 304 34.58 -16.82 -9.40
CA PRO B 304 34.15 -18.14 -8.92
C PRO B 304 32.76 -18.07 -8.29
N VAL B 305 31.83 -18.85 -8.84
CA VAL B 305 30.45 -18.86 -8.35
C VAL B 305 29.97 -20.28 -8.14
N HIS B 306 30.87 -21.26 -8.28
CA HIS B 306 30.48 -22.66 -8.19
C HIS B 306 30.33 -23.16 -6.76
N TYR B 307 30.87 -22.44 -5.77
CA TYR B 307 30.72 -22.89 -4.39
C TYR B 307 29.25 -22.86 -3.96
N PHE B 308 28.54 -21.80 -4.32
CA PHE B 308 27.12 -21.66 -3.99
C PHE B 308 26.22 -22.06 -5.15
N ASP B 309 26.73 -22.88 -6.07
CA ASP B 309 25.96 -23.34 -7.22
C ASP B 309 25.54 -22.18 -8.13
N GLY B 310 26.51 -21.32 -8.46
CA GLY B 310 26.25 -20.22 -9.37
C GLY B 310 26.55 -20.58 -10.80
N ARG B 311 25.77 -20.00 -11.70
CA ARG B 311 25.93 -20.21 -13.14
C ARG B 311 26.42 -18.91 -13.75
N LYS B 312 27.13 -19.02 -14.87
CA LYS B 312 27.62 -17.85 -15.58
C LYS B 312 27.30 -18.00 -17.06
N ARG B 313 26.79 -16.94 -17.68
CA ARG B 313 26.31 -16.98 -19.04
C ARG B 313 26.75 -15.73 -19.78
N MET B 314 26.80 -15.85 -21.11
CA MET B 314 26.97 -14.71 -22.01
C MET B 314 25.80 -14.73 -22.97
N ILE B 315 25.09 -13.62 -23.06
CA ILE B 315 23.85 -13.53 -23.83
C ILE B 315 24.03 -12.47 -24.90
N LEU B 316 23.69 -12.81 -26.14
CA LEU B 316 23.64 -11.88 -27.25
C LEU B 316 22.20 -11.66 -27.65
N SER B 317 21.83 -10.40 -27.88
CA SER B 317 20.46 -10.06 -28.24
C SER B 317 20.46 -8.87 -29.17
N THR B 318 19.42 -8.80 -30.01
CA THR B 318 19.27 -7.73 -31.00
C THR B 318 18.11 -6.83 -30.62
N ILE B 319 18.23 -5.56 -30.99
CA ILE B 319 17.23 -4.56 -30.63
C ILE B 319 15.96 -4.76 -31.47
N SER B 320 14.83 -4.39 -30.90
CA SER B 320 13.55 -4.37 -31.61
C SER B 320 12.89 -3.01 -31.42
N TRP B 321 12.02 -2.66 -32.37
CA TRP B 321 11.34 -1.37 -32.32
C TRP B 321 10.41 -1.27 -31.12
N MET B 322 10.09 -2.39 -30.46
CA MET B 322 9.22 -2.40 -29.28
C MET B 322 9.94 -3.19 -28.18
N GLY B 323 10.80 -2.50 -27.44
CA GLY B 323 11.48 -3.10 -26.30
C GLY B 323 12.33 -4.29 -26.69
N GLY B 324 12.43 -5.24 -25.75
CA GLY B 324 13.22 -6.43 -25.92
C GLY B 324 12.39 -7.69 -25.96
N LYS B 325 13.06 -8.83 -25.74
CA LYS B 325 12.45 -10.15 -25.85
C LYS B 325 11.79 -10.50 -24.52
N ASN B 326 10.49 -10.29 -24.45
CA ASN B 326 9.71 -10.53 -23.22
C ASN B 326 8.54 -11.45 -23.55
N PRO B 327 8.80 -12.75 -23.75
CA PRO B 327 7.69 -13.67 -24.00
C PRO B 327 6.70 -13.74 -22.86
N PHE B 328 7.11 -13.42 -21.63
CA PHE B 328 6.18 -13.42 -20.50
C PHE B 328 5.11 -12.36 -20.68
N LEU B 329 5.52 -11.13 -20.96
CA LEU B 329 4.55 -10.06 -21.18
C LEU B 329 3.70 -10.35 -22.41
N GLY B 330 4.33 -10.83 -23.49
CA GLY B 330 3.55 -11.21 -24.65
C GLY B 330 2.56 -12.30 -24.35
N ILE B 331 3.00 -13.36 -23.68
CA ILE B 331 2.10 -14.45 -23.33
C ILE B 331 1.08 -14.00 -22.30
N ALA B 332 1.50 -13.16 -21.35
CA ALA B 332 0.57 -12.69 -20.32
C ALA B 332 -0.56 -11.88 -20.92
N TYR B 333 -0.25 -11.00 -21.87
CA TYR B 333 -1.28 -10.21 -22.53
C TYR B 333 -2.22 -11.09 -23.35
N ILE B 334 -1.67 -12.10 -24.03
CA ILE B 334 -2.53 -13.07 -24.71
C ILE B 334 -3.48 -13.72 -23.72
N ALA B 335 -2.96 -14.10 -22.55
CA ALA B 335 -3.81 -14.75 -21.54
C ALA B 335 -4.83 -13.78 -20.98
N VAL B 336 -4.37 -12.68 -20.38
CA VAL B 336 -5.29 -11.72 -19.78
C VAL B 336 -6.27 -11.21 -20.83
N GLY B 337 -5.79 -10.95 -22.04
CA GLY B 337 -6.70 -10.63 -23.12
C GLY B 337 -7.66 -11.75 -23.44
N SER B 338 -7.25 -13.00 -23.17
CA SER B 338 -8.11 -14.15 -23.47
C SER B 338 -9.10 -14.42 -22.35
N ILE B 339 -8.61 -14.51 -21.10
CA ILE B 339 -9.53 -14.68 -19.97
C ILE B 339 -10.47 -13.48 -19.87
N SER B 340 -10.05 -12.33 -20.38
CA SER B 340 -10.96 -11.18 -20.45
C SER B 340 -12.18 -11.52 -21.30
N PHE B 341 -11.97 -12.15 -22.46
CA PHE B 341 -13.10 -12.67 -23.23
C PHE B 341 -13.83 -13.75 -22.46
N LEU B 342 -13.10 -14.68 -21.84
CA LEU B 342 -13.76 -15.73 -21.08
C LEU B 342 -14.60 -15.15 -19.95
N LEU B 343 -14.06 -14.18 -19.22
CA LEU B 343 -14.86 -13.46 -18.24
C LEU B 343 -15.96 -12.67 -18.92
N GLY B 344 -15.64 -12.01 -20.03
CA GLY B 344 -16.64 -11.22 -20.72
C GLY B 344 -17.77 -12.08 -21.26
N VAL B 345 -17.43 -13.18 -21.92
CA VAL B 345 -18.46 -14.04 -22.50
C VAL B 345 -19.25 -14.76 -21.42
N VAL B 346 -18.57 -15.26 -20.39
CA VAL B 346 -19.26 -15.98 -19.33
C VAL B 346 -20.25 -15.05 -18.63
N LEU B 347 -19.84 -13.80 -18.38
CA LEU B 347 -20.72 -12.87 -17.67
C LEU B 347 -21.99 -12.58 -18.43
N LEU B 348 -22.00 -12.74 -19.75
CA LEU B 348 -23.27 -12.65 -20.49
C LEU B 348 -24.22 -13.77 -20.08
N VAL B 349 -23.70 -14.99 -19.90
CA VAL B 349 -24.56 -16.11 -19.53
C VAL B 349 -25.27 -15.81 -18.22
N ILE B 350 -24.54 -15.31 -17.23
CA ILE B 350 -25.16 -14.96 -15.96
C ILE B 350 -26.16 -13.83 -16.15
N ASN B 351 -25.80 -12.82 -16.95
CA ASN B 351 -26.73 -11.73 -17.22
C ASN B 351 -27.98 -12.23 -17.93
N HIS B 352 -27.79 -13.05 -18.97
CA HIS B 352 -28.93 -13.52 -19.74
C HIS B 352 -29.87 -14.37 -18.89
N LYS B 353 -29.31 -15.23 -18.04
CA LYS B 353 -30.14 -16.11 -17.22
C LYS B 353 -30.97 -15.31 -16.22
N TYR B 354 -30.37 -14.30 -15.59
CA TYR B 354 -31.02 -13.53 -14.54
C TYR B 354 -31.49 -12.16 -15.03
N ARG B 355 -31.98 -12.08 -16.26
CA ARG B 355 -32.55 -10.83 -16.76
C ARG B 355 -33.87 -10.51 -16.05
C1 NAG C . 37.87 -11.72 -9.57
C2 NAG C . 39.30 -11.52 -9.03
C3 NAG C . 39.65 -12.59 -8.00
C4 NAG C . 38.59 -12.66 -6.91
C5 NAG C . 37.23 -12.87 -7.56
C6 NAG C . 36.09 -12.92 -6.56
C7 NAG C . 40.55 -10.45 -10.86
C8 NAG C . 41.55 -10.66 -11.95
N2 NAG C . 40.25 -11.54 -10.14
O3 NAG C . 40.92 -12.28 -7.42
O4 NAG C . 38.87 -13.71 -6.00
O5 NAG C . 36.96 -11.80 -8.46
O6 NAG C . 34.84 -13.06 -7.23
O7 NAG C . 40.04 -9.36 -10.63
C1 NAG C . 39.12 -13.14 -4.70
C2 NAG C . 38.86 -14.22 -3.64
C3 NAG C . 39.18 -13.67 -2.25
C4 NAG C . 40.58 -13.09 -2.20
C5 NAG C . 40.75 -12.07 -3.32
C6 NAG C . 42.15 -11.50 -3.41
C7 NAG C . 37.12 -15.91 -3.33
C8 NAG C . 35.66 -16.22 -3.46
N2 NAG C . 37.49 -14.68 -3.71
O3 NAG C . 39.07 -14.74 -1.31
O4 NAG C . 40.77 -12.42 -0.96
O5 NAG C . 40.47 -12.67 -4.59
O6 NAG C . 42.17 -10.24 -4.06
O7 NAG C . 37.92 -16.72 -2.91
C1 BMA C . 41.85 -12.96 -0.15
C2 BMA C . 41.37 -14.25 0.56
C3 BMA C . 42.53 -14.84 1.37
C4 BMA C . 43.79 -14.99 0.50
C5 BMA C . 44.15 -13.64 -0.15
C6 BMA C . 45.36 -13.73 -1.05
O2 BMA C . 40.97 -15.23 -0.36
O3 BMA C . 42.18 -16.11 1.91
O4 BMA C . 44.88 -15.43 1.30
O5 BMA C . 43.03 -13.23 -0.94
O6 BMA C . 45.68 -12.41 -1.49
MG MG D . -39.68 13.90 29.70
AL ALF E . -40.95 10.94 31.57
F1 ALF E . -40.96 9.29 32.23
F2 ALF E . -40.96 12.64 30.91
F3 ALF E . -39.16 10.92 31.49
F4 ALF E . -42.74 10.97 31.65
C1 NAG F . 36.51 -24.93 -30.71
C2 NAG F . 36.95 -26.38 -30.79
C3 NAG F . 38.47 -26.48 -30.76
C4 NAG F . 39.09 -25.60 -31.85
C5 NAG F . 38.56 -24.18 -31.71
C6 NAG F . 39.03 -23.27 -32.83
C7 NAG F . 35.19 -27.79 -29.81
C8 NAG F . 34.75 -28.56 -28.60
N2 NAG F . 36.38 -27.17 -29.71
O3 NAG F . 38.87 -27.84 -30.96
O4 NAG F . 40.50 -25.59 -31.71
O5 NAG F . 37.12 -24.18 -31.77
O6 NAG F . 38.12 -23.27 -33.92
O7 NAG F . 34.51 -27.74 -30.83
C1 NAG G . 41.91 -15.89 -25.07
C2 NAG G . 43.03 -16.10 -26.09
C3 NAG G . 44.39 -16.05 -25.42
C4 NAG G . 44.54 -14.76 -24.63
C5 NAG G . 43.38 -14.61 -23.64
C6 NAG G . 43.41 -13.29 -22.90
C7 NAG G . 42.79 -18.58 -26.43
C8 NAG G . 42.92 -18.80 -24.94
N2 NAG G . 42.86 -17.31 -26.88
O3 NAG G . 45.41 -16.14 -26.41
O4 NAG G . 45.77 -14.75 -23.92
O5 NAG G . 42.13 -14.66 -24.35
O6 NAG G . 43.65 -12.20 -23.77
O7 NAG G . 42.64 -19.52 -27.19
#